data_9HDQ
#
_entry.id   9HDQ
#
_cell.length_a   1.00
_cell.length_b   1.00
_cell.length_c   1.00
_cell.angle_alpha   90.00
_cell.angle_beta   90.00
_cell.angle_gamma   90.00
#
_symmetry.space_group_name_H-M   'P 1'
#
loop_
_entity.id
_entity.type
_entity.pdbx_description
1 polymer 'LINE-1 retrotransposable element ORF2 protein'
2 polymer 'Target DNA strand 1'
3 polymer 'Target DNA strand 2'
4 polymer 'Template P(A)30 RNA'
5 polymer 'Target DNA strand 3'
6 polymer 'Target DNA strand 4'
7 polymer 'Unassigned Nucleic Acid'
8 non-polymer 'ZINC ION'
#
loop_
_entity_poly.entity_id
_entity_poly.type
_entity_poly.pdbx_seq_one_letter_code
_entity_poly.pdbx_strand_id
1 'polypeptide(L)'
;MVHHHHHHHHGGSAWSHPQFEKGGGSGGGSGGSAWSHPQFEKGGSEEGKLVIWINGDKGYNGLAEVGKKFEKDTGIKVTV
EHPDKLEEKFPQVAATGDGPDIIFWAHDRFGGYAQSGLLAEITPDKAFQDKLYPFTWDAVRYNGKLIAYPIAVEALSLIY
NKDLLPNPPKTWEEIPALDKELKAKGKSALMFNLQEPYFTWPLIAADGGYAFKYENGKYDIKDVGVDNAGAKAGLTFLVD
LIKNKHMNADTDYSIAEAAFNKGETAMTINGPWAWSNIDTSKVNYGVTVLPTFKGQPSKPFVGVLSAGINAASPNKELAK
EFLENYLLTDEGLEAVNKDKPLGAVALKSYEEELVKDPRIAATMENAQKGEIMPNIPQMSAFWYAVRTAVINAASGRQTV
DEALKDAQTNSSSNNNNNNNNNNLGSDSEVNQEAKPEVKPEVKPETHINLKVSDGSSEIFFKIKKTTPLRRLMEAFAKRQ
GKEMDSLTFLYDGIEIQADQTPEDLDMEDNDIIEAHREQIGGMTGSTSHITILTLNINGLNSAIKRHRLASWIKSQDPSV
CCIQETHLTCRDTHRLKIKGWRKIYQANGKQKKAGVAILVSDKTDFKPTKIKRDKEGHYIMVKGSIQQEELTILNIYAPN
TGAPRFIKQVLSDLQRDLDSHTLIMGDFNTPLSTLDRSTRQKVNKDTQELNSALHQADLIDIYRTLHPKSTEYTFFSAPH
HTYSKIDHIVGSKALLSKCKRTEIITNYLSDHSAIKLELRIKNLTQSRSTTWKLNNLLLNDYWVHNEMKAEIKMFFETNE
NKDTTYQNLWDAFKAVCRGKFIALNAYKRKQERSKIDTLTSQLKELEKQEQTHSKASRRQEITKIRAELKEIETQKTLQK
INESRSWFFERINKIDRPLARLIKKKREKNQIDTIKNDKGDITTDPTEIQTTIREYYKHLYANKLENLEEMDTFLDTYTL
PRLNQEEVESLNRPITGSEIVAIINSLPTKKSPGPDGFTAEFYQRYKEELVPFLLKLFQSIEKEGILPNSFYEASIILIP
KPGRDTTKKENFRPISLMNIDAKILNKILANRIQQHIKKLIHHDQVGFIPGMQGWFNIRKSINVIQHINRAKDKNHMIIS
IDAEKAFDKIQQPFMLKTLNKLGIDGTYFKIIRAIYDKPTANIILNGQKLEAFPLKTGTRQGCPLSPLLFNIVLEVLARA
IRQEKEIKGIQLGKEEVKLSLFADDMIVYLENPIVSAQNLLKLISNFSKVSGYKINVQKSQAFLYTNNRQTESQIMGELP
FTIASKRIKYLGIQLTRDVKDLFKENYKPLLKEIKEETNKWKNIPCSWVGRINIVKMAILPKVIYRFNAIPIKLPMTFFT
ELEKTTLKFIWNQKRARIAKSILSQKNKAGGITLPDFKLYYKATVTKTAWYWYQNRDIDQWNRTEPSEIMPHIYNYLIFD
KPEKNKQWGKDSLFNKWCWENWLAICRKLKLDPFLTPYTKINSRWIKDLNVKPKTIKTLEENLGITIQDIGVGKDFMSKT
PKAMATKDKIDKWDLIKLKSFCTAKETTIRVNRQPTTWEKIFATYSSDKGLISRIYNELKQIYKKKTNNPIKKWAKDMNR
HFSKEDIYAAKKHMKKCSSSLAIREMQIKTTMRYHLTPVRMAIIKKSGNNRCWRGCGEIGTLLHCWWDCKLVQPLWKSVW
RFLRDLELEIPFDPAIPLLGIYPNEYKSCCYKDTCTRMFIAALFTIAKTWNQPKCPTMIDWIKKMWHIYTMEYYAAIKND
EFISFVGTWMKLETIILSKLSQEQKTKHRIFSLIGGN
;
A
2 'polydeoxyribonucleotide'
;(DT)(DT)(DA)(DG)(DT)(DT)(DG)(DC)(DT)(DG)(DA)(DA)(DT)(DT)(DA)(DT)(DT)(DG)(DG)(DA)
(DA)(DG)(DT)(DT)(DT)(DT)(DG)(DT)(DT)(DT)(DT)(DT)(DT)(DT)(DT)(DT)(DT)
;
B
3 'polydeoxyribonucleotide'
;(DA)(DA)(DA)(DC)(DA)(DA)(DA)(DA)(DC)(DT)(DT)(DC)(DC)(DA)(DA)(DT)(DA)(DA)(DT)(DT)
(DC)(DA)(DG)(DC)(DA)(DA)(DC)(DT)(DA)(DA)
;
C
4 'polyribonucleotide' AAAAAAAAAAAAAAAAAAAAAAAAAAAAAA D
5 'polydeoxyribonucleotide'
;(DT)(DT)(DT)(DT)(DT)(DT)(DT)(DT)(DT)(DT)(DT)(DT)(DT)(DT)(DT)(DT)(DT)(DT)(DT)(DT)
(DT)(DA)(DT)(DA)(DA)(DA)
;
E
6 'polydeoxyribonucleotide' (DA)(DA)(DA)(DA)(DA)(DA)(DA)(DA)(DA)(DA)(DA)(DA)(DA)(DA)(DA)(DA)(DA)(DA)(DA) F
7 'polydeoxyribonucleotide' (DA)(DA)(DA)(DA) G
#
# COMPACT_ATOMS: atom_id res chain seq x y z
N THR A 771 1.20 32.88 -3.29
CA THR A 771 -0.20 32.45 -3.00
C THR A 771 -0.22 31.62 -1.72
N TRP A 772 -1.17 31.96 -0.84
CA TRP A 772 -1.22 31.40 0.49
C TRP A 772 -1.52 29.91 0.49
N LYS A 773 -0.83 29.17 1.37
CA LYS A 773 -1.21 27.84 1.79
C LYS A 773 -1.19 27.79 3.31
N LEU A 774 -2.13 27.04 3.88
CA LEU A 774 -2.04 26.72 5.31
C LEU A 774 -0.83 25.82 5.56
N ASN A 775 0.02 26.23 6.52
CA ASN A 775 1.08 25.38 7.02
C ASN A 775 0.55 24.60 8.22
N ASN A 776 0.51 23.27 8.12
CA ASN A 776 -0.20 22.43 9.08
C ASN A 776 0.29 22.62 10.51
N LEU A 777 1.56 22.97 10.69
CA LEU A 777 2.14 23.15 12.02
C LEU A 777 1.38 24.16 12.87
N LEU A 778 0.81 25.20 12.25
CA LEU A 778 -0.02 26.16 12.96
C LEU A 778 -1.22 25.51 13.66
N LEU A 779 -1.75 24.42 13.11
CA LEU A 779 -2.89 23.73 13.70
C LEU A 779 -2.55 23.08 15.05
N ASN A 780 -1.28 22.70 15.22
CA ASN A 780 -0.81 22.09 16.46
C ASN A 780 -0.89 23.01 17.68
N ASP A 781 -0.82 24.33 17.48
CA ASP A 781 -0.35 25.25 18.53
C ASP A 781 -1.55 25.82 19.29
N TYR A 782 -1.60 25.51 20.58
CA TYR A 782 -2.82 25.58 21.38
C TYR A 782 -3.47 26.96 21.39
N TRP A 783 -2.67 28.03 21.28
CA TRP A 783 -3.21 29.37 21.19
C TRP A 783 -3.87 29.64 19.84
N VAL A 784 -3.16 29.33 18.74
CA VAL A 784 -3.68 29.52 17.40
C VAL A 784 -5.01 28.79 17.23
N HIS A 785 -5.04 27.53 17.67
CA HIS A 785 -6.25 26.72 17.70
C HIS A 785 -7.41 27.38 18.45
N ASN A 786 -7.14 27.94 19.63
CA ASN A 786 -8.19 28.57 20.42
C ASN A 786 -8.81 29.78 19.73
N GLU A 787 -8.01 30.59 19.04
CA GLU A 787 -8.54 31.75 18.34
C GLU A 787 -9.39 31.36 17.13
N MET A 788 -9.02 30.32 16.40
CA MET A 788 -9.83 29.86 15.27
C MET A 788 -11.23 29.43 15.70
N LYS A 789 -11.34 28.62 16.75
CA LYS A 789 -12.65 28.25 17.27
C LYS A 789 -13.51 29.47 17.61
N ALA A 790 -12.90 30.49 18.21
CA ALA A 790 -13.63 31.70 18.53
C ALA A 790 -14.17 32.40 17.28
N GLU A 791 -13.33 32.61 16.25
CA GLU A 791 -13.81 33.33 15.08
C GLU A 791 -14.74 32.50 14.21
N ILE A 792 -14.55 31.18 14.12
CA ILE A 792 -15.41 30.36 13.27
C ILE A 792 -16.86 30.48 13.75
N LYS A 793 -17.06 30.34 15.05
CA LYS A 793 -18.39 30.51 15.61
C LYS A 793 -18.88 31.96 15.43
N MET A 794 -18.00 32.92 15.68
CA MET A 794 -18.38 34.32 15.63
C MET A 794 -18.68 34.80 14.21
N PHE A 795 -17.97 34.28 13.19
CA PHE A 795 -18.31 34.63 11.83
C PHE A 795 -19.74 34.20 11.48
N PHE A 796 -20.06 32.94 11.71
CA PHE A 796 -21.32 32.41 11.21
C PHE A 796 -22.52 33.00 11.94
N GLU A 797 -22.43 33.14 13.26
CA GLU A 797 -23.55 33.68 14.01
C GLU A 797 -23.82 35.16 13.70
N THR A 798 -22.77 35.93 13.39
CA THR A 798 -22.96 37.29 12.91
C THR A 798 -23.64 37.31 11.53
N ASN A 799 -23.11 36.50 10.60
CA ASN A 799 -23.36 36.61 9.17
C ASN A 799 -24.72 36.09 8.67
N GLU A 800 -25.49 35.31 9.44
CA GLU A 800 -26.59 34.57 8.85
C GLU A 800 -27.89 35.36 8.90
N ASN A 801 -28.27 35.84 7.70
CA ASN A 801 -29.37 36.72 7.40
C ASN A 801 -29.85 36.32 6.00
N LYS A 802 -31.12 36.61 5.68
CA LYS A 802 -31.74 36.05 4.49
C LYS A 802 -31.26 36.64 3.16
N ASP A 803 -30.35 37.63 3.14
CA ASP A 803 -29.91 38.19 1.87
C ASP A 803 -28.93 37.26 1.12
N THR A 804 -27.94 36.73 1.83
CA THR A 804 -26.98 35.82 1.21
C THR A 804 -27.66 34.49 0.87
N THR A 805 -27.30 33.94 -0.30
CA THR A 805 -27.41 32.50 -0.49
C THR A 805 -26.37 31.81 0.36
N TYR A 806 -26.61 30.55 0.69
CA TYR A 806 -25.60 29.79 1.41
C TYR A 806 -24.36 29.50 0.57
N GLN A 807 -24.47 29.50 -0.77
CA GLN A 807 -23.29 29.32 -1.59
C GLN A 807 -22.35 30.52 -1.49
N ASN A 808 -22.90 31.74 -1.54
CA ASN A 808 -22.10 32.95 -1.38
C ASN A 808 -21.52 33.08 0.03
N LEU A 809 -22.32 32.72 1.04
CA LEU A 809 -21.88 32.78 2.43
C LEU A 809 -20.70 31.86 2.73
N TRP A 810 -20.60 30.72 2.04
CA TRP A 810 -19.47 29.81 2.23
C TRP A 810 -18.17 30.39 1.66
N ASP A 811 -18.18 31.04 0.50
CA ASP A 811 -16.99 31.70 0.01
C ASP A 811 -16.55 32.88 0.87
N ALA A 812 -17.49 33.63 1.44
CA ALA A 812 -17.13 34.71 2.36
C ALA A 812 -16.45 34.18 3.62
N PHE A 813 -16.96 33.05 4.16
CA PHE A 813 -16.34 32.42 5.31
C PHE A 813 -14.88 32.00 5.04
N LYS A 814 -14.60 31.41 3.88
CA LYS A 814 -13.24 31.00 3.59
C LYS A 814 -12.27 32.17 3.45
N ALA A 815 -12.73 33.32 2.96
CA ALA A 815 -11.89 34.51 2.87
C ALA A 815 -11.46 35.03 4.24
N VAL A 816 -12.41 35.11 5.18
CA VAL A 816 -12.12 35.52 6.54
C VAL A 816 -11.16 34.57 7.26
N CYS A 817 -11.32 33.25 7.08
CA CYS A 817 -10.39 32.30 7.66
C CYS A 817 -8.96 32.46 7.11
N ARG A 818 -8.82 32.61 5.79
CA ARG A 818 -7.49 32.80 5.21
C ARG A 818 -6.83 34.07 5.72
N GLY A 819 -7.60 35.16 5.83
CA GLY A 819 -7.11 36.40 6.39
C GLY A 819 -6.63 36.27 7.84
N LYS A 820 -7.40 35.60 8.69
CA LYS A 820 -7.02 35.44 10.08
C LYS A 820 -5.79 34.55 10.27
N PHE A 821 -5.65 33.46 9.53
CA PHE A 821 -4.44 32.66 9.65
C PHE A 821 -3.18 33.47 9.31
N ILE A 822 -3.28 34.43 8.40
CA ILE A 822 -2.14 35.29 8.08
C ILE A 822 -1.81 36.20 9.27
N ALA A 823 -2.83 36.79 9.91
CA ALA A 823 -2.64 37.61 11.09
C ALA A 823 -1.99 36.84 12.25
N LEU A 824 -2.39 35.58 12.45
CA LEU A 824 -1.83 34.80 13.54
C LEU A 824 -0.39 34.39 13.28
N ASN A 825 -0.07 33.99 12.04
CA ASN A 825 1.30 33.62 11.71
C ASN A 825 2.25 34.81 11.87
N ALA A 826 1.86 35.99 11.38
CA ALA A 826 2.72 37.16 11.46
C ALA A 826 2.99 37.57 12.91
N TYR A 827 1.93 37.66 13.72
CA TYR A 827 2.07 38.00 15.12
C TYR A 827 2.97 37.01 15.86
N LYS A 828 2.79 35.71 15.61
CA LYS A 828 3.54 34.70 16.34
C LYS A 828 5.04 34.80 16.03
N ARG A 829 5.39 34.99 14.76
CA ARG A 829 6.78 35.15 14.36
C ARG A 829 7.41 36.38 15.00
N LYS A 830 6.67 37.50 15.04
CA LYS A 830 7.12 38.70 15.71
C LYS A 830 7.32 38.50 17.22
N GLN A 831 6.47 37.71 17.86
CA GLN A 831 6.61 37.50 19.30
C GLN A 831 7.82 36.64 19.66
N GLU A 832 8.02 35.53 18.94
CA GLU A 832 9.13 34.63 19.22
C GLU A 832 10.50 35.32 19.11
N ARG A 833 10.62 36.35 18.26
CA ARG A 833 11.88 37.05 18.03
C ARG A 833 12.09 38.26 18.96
N SER A 834 11.13 38.59 19.82
CA SER A 834 11.08 39.87 20.52
C SER A 834 12.33 40.19 21.35
N LYS A 835 12.93 39.18 22.01
CA LYS A 835 14.11 39.45 22.84
C LYS A 835 15.34 39.81 22.01
N ILE A 836 15.67 39.00 21.01
CA ILE A 836 16.77 39.34 20.10
C ILE A 836 16.49 40.67 19.38
N ASP A 837 15.22 40.96 19.08
CA ASP A 837 14.86 42.28 18.54
C ASP A 837 15.24 43.41 19.49
N THR A 838 15.00 43.23 20.79
CA THR A 838 15.33 44.25 21.78
C THR A 838 16.84 44.41 21.91
N LEU A 839 17.55 43.31 22.19
CA LEU A 839 18.97 43.35 22.48
C LEU A 839 19.78 43.98 21.34
N THR A 840 19.34 43.77 20.09
CA THR A 840 20.02 44.37 18.96
C THR A 840 19.95 45.90 19.01
N SER A 841 18.83 46.47 19.43
CA SER A 841 18.73 47.91 19.63
C SER A 841 19.62 48.35 20.79
N GLN A 842 19.44 47.70 21.94
CA GLN A 842 20.11 48.09 23.18
C GLN A 842 21.63 48.16 23.02
N LEU A 843 22.18 47.14 22.36
CA LEU A 843 23.60 47.10 22.01
C LEU A 843 24.00 48.22 21.05
N LYS A 844 23.16 48.51 20.06
CA LYS A 844 23.46 49.53 19.05
C LYS A 844 23.47 50.97 19.57
N GLU A 845 22.59 51.34 20.51
CA GLU A 845 22.74 52.67 21.10
C GLU A 845 23.94 52.77 22.05
N LEU A 846 24.22 51.73 22.84
CA LEU A 846 25.40 51.76 23.69
C LEU A 846 26.69 51.83 22.86
N GLU A 847 26.73 51.16 21.71
CA GLU A 847 27.89 51.21 20.83
C GLU A 847 28.02 52.57 20.13
N LYS A 848 26.90 53.21 19.78
CA LYS A 848 26.95 54.58 19.26
C LYS A 848 27.28 55.61 20.35
N GLN A 849 26.84 55.40 21.59
CA GLN A 849 27.27 56.24 22.70
C GLN A 849 28.78 56.15 22.94
N GLU A 850 29.36 54.96 22.80
CA GLU A 850 30.82 54.85 22.82
C GLU A 850 31.45 55.57 21.64
N GLN A 851 30.87 55.41 20.44
CA GLN A 851 31.44 56.02 19.24
C GLN A 851 31.50 57.56 19.35
N THR A 852 30.47 58.17 19.95
CA THR A 852 30.56 59.58 20.32
C THR A 852 31.47 59.82 21.54
N HIS A 853 31.29 59.03 22.60
CA HIS A 853 32.02 59.23 23.86
C HIS A 853 32.48 57.88 24.41
N SER A 854 33.78 57.59 24.22
CA SER A 854 34.32 56.25 24.44
C SER A 854 34.79 56.10 25.89
N LYS A 855 34.48 54.94 26.48
CA LYS A 855 34.98 54.53 27.79
C LYS A 855 34.89 53.01 27.89
N ALA A 856 35.75 52.42 28.72
CA ALA A 856 35.97 50.99 28.75
C ALA A 856 34.71 50.20 29.11
N SER A 857 33.88 50.73 30.01
CA SER A 857 32.70 49.99 30.46
C SER A 857 31.62 49.88 29.37
N ARG A 858 31.61 50.77 28.37
CA ARG A 858 30.74 50.53 27.22
C ARG A 858 31.19 49.33 26.41
N ARG A 859 32.52 49.12 26.31
CA ARG A 859 33.04 47.92 25.66
C ARG A 859 32.84 46.66 26.51
N GLN A 860 32.91 46.79 27.84
CA GLN A 860 32.48 45.68 28.70
C GLN A 860 31.02 45.28 28.43
N GLU A 861 30.12 46.26 28.39
CA GLU A 861 28.71 45.98 28.19
C GLU A 861 28.45 45.35 26.81
N ILE A 862 29.09 45.90 25.78
CA ILE A 862 29.08 45.29 24.45
C ILE A 862 29.55 43.84 24.50
N THR A 863 30.64 43.58 25.23
CA THR A 863 31.19 42.23 25.29
C THR A 863 30.18 41.25 25.88
N LYS A 864 29.42 41.68 26.89
CA LYS A 864 28.45 40.81 27.52
C LYS A 864 27.25 40.56 26.61
N ILE A 865 26.62 41.63 26.11
CA ILE A 865 25.38 41.48 25.35
C ILE A 865 25.63 40.75 24.03
N ARG A 866 26.71 41.12 23.33
CA ARG A 866 27.07 40.45 22.08
C ARG A 866 27.35 38.96 22.28
N ALA A 867 27.85 38.57 23.46
CA ALA A 867 27.89 37.16 23.82
C ALA A 867 26.50 36.54 23.93
N GLU A 868 25.58 37.22 24.64
CA GLU A 868 24.22 36.69 24.79
C GLU A 868 23.49 36.60 23.45
N LEU A 869 23.77 37.52 22.51
CA LEU A 869 23.32 37.35 21.14
C LEU A 869 23.77 36.01 20.55
N LYS A 870 25.05 35.66 20.74
CA LYS A 870 25.56 34.40 20.25
C LYS A 870 24.95 33.20 20.98
N GLU A 871 24.64 33.36 22.27
CA GLU A 871 24.01 32.30 23.04
C GLU A 871 22.59 31.98 22.53
N ILE A 872 21.77 33.02 22.35
CA ILE A 872 20.43 32.84 21.81
C ILE A 872 20.48 32.22 20.41
N GLU A 873 21.34 32.76 19.55
CA GLU A 873 21.34 32.37 18.14
C GLU A 873 21.79 30.92 17.94
N THR A 874 22.77 30.46 18.71
CA THR A 874 23.20 29.07 18.64
C THR A 874 22.18 28.10 19.25
N GLN A 875 21.53 28.50 20.36
CA GLN A 875 20.51 27.65 20.95
C GLN A 875 19.37 27.33 19.98
N LYS A 876 18.95 28.31 19.19
CA LYS A 876 17.95 28.06 18.15
C LYS A 876 18.50 27.14 17.05
N THR A 877 19.78 27.28 16.72
CA THR A 877 20.37 26.44 15.68
C THR A 877 20.49 24.99 16.13
N LEU A 878 20.93 24.76 17.38
CA LEU A 878 20.95 23.42 17.93
C LEU A 878 19.57 22.75 17.87
N GLN A 879 18.54 23.44 18.37
CA GLN A 879 17.22 22.84 18.49
C GLN A 879 16.69 22.31 17.17
N LYS A 880 16.86 23.05 16.08
CA LYS A 880 16.41 22.57 14.78
C LYS A 880 17.23 21.36 14.28
N ILE A 881 18.52 21.31 14.59
CA ILE A 881 19.31 20.14 14.21
C ILE A 881 18.93 18.92 15.05
N ASN A 882 18.72 19.11 16.35
CA ASN A 882 18.31 18.03 17.22
C ASN A 882 16.89 17.54 16.91
N GLU A 883 15.99 18.43 16.50
CA GLU A 883 14.64 18.02 16.14
C GLU A 883 14.60 17.16 14.88
N SER A 884 15.41 17.51 13.87
CA SER A 884 15.41 16.73 12.64
C SER A 884 16.06 15.37 12.84
N ARG A 885 17.16 15.33 13.60
CA ARG A 885 17.76 14.07 14.02
C ARG A 885 16.79 13.17 14.78
N SER A 886 16.03 13.73 15.72
CA SER A 886 15.02 12.96 16.45
C SER A 886 13.98 12.33 15.52
N TRP A 887 13.53 13.06 14.50
CA TRP A 887 12.56 12.51 13.57
C TRP A 887 13.13 11.33 12.78
N PHE A 888 14.38 11.47 12.33
CA PHE A 888 15.09 10.41 11.61
C PHE A 888 15.40 9.20 12.51
N PHE A 889 15.71 9.46 13.78
CA PHE A 889 16.00 8.39 14.73
C PHE A 889 14.84 7.42 14.94
N GLU A 890 13.59 7.91 14.93
CA GLU A 890 12.44 7.02 15.02
C GLU A 890 12.27 6.15 13.77
N ARG A 891 12.51 6.72 12.58
CA ARG A 891 12.26 6.05 11.31
C ARG A 891 13.37 5.12 10.80
N ILE A 892 14.62 5.29 11.22
CA ILE A 892 15.75 4.64 10.56
C ILE A 892 15.54 3.12 10.42
N ASN A 893 15.96 2.59 9.26
CA ASN A 893 15.84 1.18 8.85
C ASN A 893 14.40 0.63 8.76
N LYS A 894 13.37 1.48 8.91
CA LYS A 894 11.98 1.07 8.88
C LYS A 894 11.39 1.33 7.50
N ILE A 895 10.33 0.60 7.15
CA ILE A 895 9.73 0.72 5.84
C ILE A 895 8.84 1.96 5.88
N ASP A 896 9.45 3.07 5.46
CA ASP A 896 9.00 4.42 5.72
C ASP A 896 9.66 5.31 4.68
N ARG A 897 9.17 6.54 4.54
CA ARG A 897 9.62 7.47 3.52
C ARG A 897 11.15 7.70 3.48
N PRO A 898 11.89 7.78 4.61
CA PRO A 898 13.35 7.88 4.51
C PRO A 898 14.03 6.74 3.77
N LEU A 899 13.68 5.49 4.09
CA LEU A 899 14.29 4.34 3.44
C LEU A 899 13.88 4.26 1.97
N ALA A 900 12.62 4.57 1.66
CA ALA A 900 12.15 4.68 0.29
C ALA A 900 12.94 5.71 -0.52
N ARG A 901 13.24 6.89 0.08
CA ARG A 901 14.05 7.89 -0.60
C ARG A 901 15.50 7.46 -0.83
N LEU A 902 16.09 6.69 0.09
CA LEU A 902 17.47 6.27 -0.05
C LEU A 902 17.73 5.49 -1.35
N ILE A 903 16.88 4.53 -1.68
CA ILE A 903 17.06 3.76 -2.91
C ILE A 903 16.69 4.54 -4.17
N LYS A 904 15.75 5.48 -4.08
CA LYS A 904 15.36 6.29 -5.24
C LYS A 904 16.46 7.23 -5.72
N LYS A 905 16.29 7.69 -6.97
CA LYS A 905 17.10 8.75 -7.58
C LYS A 905 16.82 10.12 -6.95
N LYS A 906 17.70 11.07 -7.30
CA LYS A 906 17.53 12.47 -6.94
C LYS A 906 16.38 13.12 -7.72
N ARG A 907 15.47 13.76 -6.97
CA ARG A 907 14.16 14.20 -7.46
C ARG A 907 14.27 15.46 -8.33
N GLU A 908 13.99 15.31 -9.63
CA GLU A 908 14.19 16.38 -10.61
C GLU A 908 13.26 17.58 -10.38
N LYS A 909 13.85 18.77 -10.34
CA LYS A 909 13.14 20.02 -10.03
C LYS A 909 12.12 20.39 -11.10
N ASN A 910 11.05 21.08 -10.70
CA ASN A 910 9.97 21.49 -11.59
C ASN A 910 10.41 22.45 -12.70
N GLN A 911 11.43 23.30 -12.43
CA GLN A 911 11.79 24.42 -13.30
C GLN A 911 11.98 24.04 -14.77
N ILE A 912 11.40 24.84 -15.69
CA ILE A 912 11.48 24.65 -17.13
C ILE A 912 12.15 25.86 -17.77
N ASP A 913 13.43 25.70 -18.13
CA ASP A 913 14.20 26.76 -18.80
C ASP A 913 13.90 26.90 -20.30
N THR A 914 13.65 25.80 -21.04
CA THR A 914 13.71 25.85 -22.51
C THR A 914 12.75 24.84 -23.15
N ILE A 915 12.03 25.31 -24.18
CA ILE A 915 11.02 24.53 -24.89
C ILE A 915 10.92 25.02 -26.33
N LYS A 916 10.40 24.14 -27.19
CA LYS A 916 10.37 24.33 -28.64
C LYS A 916 9.02 24.86 -29.12
N ASN A 917 9.06 25.57 -30.27
CA ASN A 917 7.88 26.09 -30.95
C ASN A 917 7.50 25.17 -32.11
N ASP A 918 6.21 25.19 -32.47
CA ASP A 918 5.71 24.37 -33.57
C ASP A 918 6.31 24.77 -34.92
N LYS A 919 7.03 25.89 -34.97
CA LYS A 919 7.91 26.24 -36.08
C LYS A 919 8.99 25.20 -36.36
N GLY A 920 9.26 24.31 -35.39
CA GLY A 920 10.53 23.62 -35.36
C GLY A 920 11.64 24.61 -35.01
N ASP A 921 11.50 25.23 -33.83
CA ASP A 921 12.36 26.30 -33.39
C ASP A 921 12.49 26.24 -31.88
N ILE A 922 13.58 26.79 -31.35
CA ILE A 922 13.94 26.63 -29.94
C ILE A 922 13.97 28.00 -29.28
N THR A 923 13.52 28.06 -28.01
CA THR A 923 13.29 29.32 -27.31
C THR A 923 13.73 29.18 -25.86
N THR A 924 14.04 30.33 -25.24
CA THR A 924 14.21 30.40 -23.80
C THR A 924 13.54 31.61 -23.15
N ASP A 925 12.85 32.47 -23.92
CA ASP A 925 12.24 33.66 -23.37
C ASP A 925 11.08 33.29 -22.44
N PRO A 926 11.07 33.71 -21.16
CA PRO A 926 10.03 33.29 -20.23
C PRO A 926 8.60 33.54 -20.69
N THR A 927 8.38 34.66 -21.39
CA THR A 927 7.05 35.00 -21.90
C THR A 927 6.67 34.12 -23.09
N GLU A 928 7.65 33.75 -23.92
CA GLU A 928 7.38 32.84 -25.03
C GLU A 928 7.05 31.43 -24.54
N ILE A 929 7.79 30.94 -23.54
CA ILE A 929 7.53 29.60 -23.03
C ILE A 929 6.20 29.54 -22.27
N GLN A 930 5.89 30.57 -21.47
CA GLN A 930 4.59 30.66 -20.82
C GLN A 930 3.45 30.66 -21.84
N THR A 931 3.61 31.37 -22.95
CA THR A 931 2.57 31.40 -23.96
C THR A 931 2.41 30.01 -24.60
N THR A 932 3.53 29.39 -24.96
CA THR A 932 3.52 28.18 -25.76
C THR A 932 2.93 26.99 -24.99
N ILE A 933 3.22 26.90 -23.69
CA ILE A 933 2.61 25.87 -22.85
C ILE A 933 1.12 26.14 -22.67
N ARG A 934 0.74 27.36 -22.27
CA ARG A 934 -0.66 27.64 -22.01
C ARG A 934 -1.52 27.42 -23.25
N GLU A 935 -1.08 27.89 -24.41
CA GLU A 935 -1.86 27.77 -25.63
C GLU A 935 -2.08 26.32 -26.03
N TYR A 936 -1.11 25.45 -25.72
CA TYR A 936 -1.22 24.04 -26.06
C TYR A 936 -2.32 23.35 -25.24
N TYR A 937 -2.29 23.49 -23.91
CA TYR A 937 -3.33 22.91 -23.08
C TYR A 937 -4.70 23.55 -23.31
N LYS A 938 -4.75 24.86 -23.53
CA LYS A 938 -6.03 25.52 -23.80
C LYS A 938 -6.71 24.97 -25.06
N HIS A 939 -5.94 24.55 -26.06
CA HIS A 939 -6.53 23.97 -27.26
C HIS A 939 -7.10 22.57 -27.02
N LEU A 940 -6.40 21.72 -26.28
CA LEU A 940 -6.85 20.36 -26.02
C LEU A 940 -8.28 20.31 -25.45
N TYR A 941 -8.55 21.10 -24.41
CA TYR A 941 -9.84 21.17 -23.74
C TYR A 941 -10.94 21.96 -24.47
N ALA A 942 -10.64 22.68 -25.57
CA ALA A 942 -11.56 23.69 -26.10
C ALA A 942 -12.84 23.14 -26.76
N ASN A 943 -12.79 21.99 -27.46
CA ASN A 943 -13.77 21.73 -28.53
C ASN A 943 -14.94 20.83 -28.11
N LYS A 944 -16.11 21.43 -27.87
CA LYS A 944 -17.31 20.71 -27.43
C LYS A 944 -18.26 20.45 -28.61
N LEU A 945 -18.66 19.18 -28.79
CA LEU A 945 -19.55 18.80 -29.88
C LEU A 945 -20.96 19.37 -29.70
N GLU A 946 -21.66 19.51 -30.84
CA GLU A 946 -22.98 20.14 -30.88
C GLU A 946 -24.09 19.25 -31.48
N ASN A 947 -23.80 18.01 -31.89
CA ASN A 947 -24.77 17.21 -32.63
C ASN A 947 -25.51 16.26 -31.68
N LEU A 948 -26.49 16.82 -30.96
CA LEU A 948 -27.23 16.10 -29.94
C LEU A 948 -28.22 15.10 -30.52
N GLU A 949 -28.79 15.40 -31.69
CA GLU A 949 -29.79 14.55 -32.32
C GLU A 949 -29.17 13.22 -32.77
N GLU A 950 -27.94 13.29 -33.25
CA GLU A 950 -27.16 12.13 -33.69
C GLU A 950 -26.71 11.26 -32.52
N MET A 951 -26.47 11.86 -31.34
CA MET A 951 -26.21 11.11 -30.12
C MET A 951 -27.42 10.26 -29.70
N ASP A 952 -28.61 10.86 -29.69
CA ASP A 952 -29.80 10.13 -29.29
C ASP A 952 -30.07 8.89 -30.16
N THR A 953 -29.82 9.00 -31.46
CA THR A 953 -29.98 7.86 -32.36
C THR A 953 -29.08 6.69 -31.96
N PHE A 954 -27.79 6.95 -31.76
CA PHE A 954 -26.86 5.91 -31.34
C PHE A 954 -27.27 5.27 -30.01
N LEU A 955 -27.71 6.07 -29.04
CA LEU A 955 -28.13 5.53 -27.76
C LEU A 955 -29.37 4.66 -27.86
N ASP A 956 -30.28 4.96 -28.79
CA ASP A 956 -31.46 4.13 -29.00
C ASP A 956 -31.15 2.81 -29.73
N THR A 957 -30.13 2.82 -30.59
CA THR A 957 -29.81 1.67 -31.43
C THR A 957 -29.61 0.38 -30.63
N TYR A 958 -29.09 0.47 -29.39
CA TYR A 958 -28.64 -0.70 -28.67
C TYR A 958 -29.40 -0.85 -27.35
N THR A 959 -29.33 -2.07 -26.79
CA THR A 959 -30.00 -2.40 -25.54
C THR A 959 -29.06 -2.19 -24.35
N LEU A 960 -29.47 -1.32 -23.42
CA LEU A 960 -28.69 -0.90 -22.27
C LEU A 960 -29.46 -1.21 -20.99
N PRO A 961 -28.77 -1.41 -19.84
CA PRO A 961 -29.45 -1.64 -18.58
C PRO A 961 -30.22 -0.41 -18.08
N ARG A 962 -31.07 -0.64 -17.08
CA ARG A 962 -31.70 0.43 -16.33
C ARG A 962 -31.69 0.12 -14.84
N LEU A 963 -31.51 1.15 -14.01
CA LEU A 963 -31.82 1.03 -12.59
C LEU A 963 -33.33 0.92 -12.38
N ASN A 964 -33.73 0.11 -11.40
CA ASN A 964 -35.14 0.04 -11.00
C ASN A 964 -35.48 1.19 -10.05
N GLN A 965 -36.75 1.28 -9.65
CA GLN A 965 -37.21 2.35 -8.79
C GLN A 965 -36.45 2.37 -7.46
N GLU A 966 -36.34 1.20 -6.80
CA GLU A 966 -35.71 1.12 -5.49
C GLU A 966 -34.27 1.63 -5.53
N GLU A 967 -33.54 1.22 -6.57
CA GLU A 967 -32.18 1.71 -6.79
C GLU A 967 -32.14 3.23 -6.98
N VAL A 968 -33.01 3.76 -7.84
CA VAL A 968 -33.07 5.20 -8.08
C VAL A 968 -33.45 5.96 -6.81
N GLU A 969 -34.32 5.41 -5.97
CA GLU A 969 -34.60 6.04 -4.68
C GLU A 969 -33.34 6.16 -3.82
N SER A 970 -32.40 5.22 -3.96
CA SER A 970 -31.18 5.22 -3.16
C SER A 970 -30.26 6.38 -3.55
N LEU A 971 -30.08 6.62 -4.85
CA LEU A 971 -29.27 7.73 -5.30
C LEU A 971 -29.81 9.09 -4.82
N ASN A 972 -31.10 9.33 -4.99
CA ASN A 972 -31.68 10.65 -4.76
C ASN A 972 -31.97 10.98 -3.30
N ARG A 973 -31.62 10.11 -2.35
CA ARG A 973 -31.95 10.36 -0.95
C ARG A 973 -31.16 11.53 -0.37
N PRO A 974 -31.73 12.26 0.61
CA PRO A 974 -31.03 13.40 1.20
C PRO A 974 -29.75 13.03 1.93
N ILE A 975 -28.72 13.89 1.79
CA ILE A 975 -27.46 13.76 2.52
C ILE A 975 -27.70 14.01 4.01
N THR A 976 -26.87 13.39 4.86
CA THR A 976 -26.96 13.56 6.31
C THR A 976 -25.58 13.70 6.92
N GLY A 977 -25.54 14.25 8.14
CA GLY A 977 -24.31 14.58 8.83
C GLY A 977 -23.37 13.38 9.02
N SER A 978 -23.92 12.22 9.36
CA SER A 978 -23.12 11.02 9.59
C SER A 978 -22.36 10.60 8.32
N GLU A 979 -22.96 10.85 7.16
CA GLU A 979 -22.33 10.57 5.88
C GLU A 979 -21.12 11.47 5.64
N ILE A 980 -21.23 12.75 6.02
CA ILE A 980 -20.15 13.72 5.88
C ILE A 980 -18.97 13.39 6.80
N VAL A 981 -19.21 13.16 8.08
CA VAL A 981 -18.12 12.86 9.01
C VAL A 981 -17.37 11.57 8.65
N ALA A 982 -18.07 10.57 8.10
CA ALA A 982 -17.40 9.35 7.65
C ALA A 982 -16.41 9.61 6.51
N ILE A 983 -16.72 10.54 5.61
CA ILE A 983 -15.82 10.92 4.55
C ILE A 983 -14.64 11.75 5.09
N ILE A 984 -14.90 12.69 6.00
CA ILE A 984 -13.83 13.50 6.55
C ILE A 984 -12.80 12.62 7.27
N ASN A 985 -13.29 11.71 8.12
CA ASN A 985 -12.42 10.82 8.88
C ASN A 985 -11.46 10.02 8.01
N SER A 986 -11.86 9.69 6.78
CA SER A 986 -11.07 8.84 5.90
C SER A 986 -10.24 9.59 4.86
N LEU A 987 -10.23 10.92 4.86
CA LEU A 987 -9.42 11.65 3.90
C LEU A 987 -7.93 11.36 4.11
N PRO A 988 -7.14 11.19 3.03
CA PRO A 988 -5.71 10.99 3.17
C PRO A 988 -4.99 12.24 3.67
N THR A 989 -4.05 12.03 4.59
CA THR A 989 -3.22 13.11 5.14
C THR A 989 -1.96 13.32 4.31
N LYS A 990 -1.35 14.50 4.47
CA LYS A 990 -0.11 14.90 3.80
C LYS A 990 -0.25 15.03 2.29
N LYS A 991 -1.44 15.43 1.81
CA LYS A 991 -1.69 15.74 0.40
C LYS A 991 -1.69 17.25 0.19
N SER A 992 -1.24 17.68 -1.00
CA SER A 992 -1.29 19.07 -1.42
C SER A 992 -2.72 19.62 -1.33
N PRO A 993 -2.92 20.88 -0.88
CA PRO A 993 -4.21 21.53 -0.98
C PRO A 993 -4.54 21.99 -2.39
N GLY A 994 -5.79 22.37 -2.61
CA GLY A 994 -6.19 23.00 -3.85
C GLY A 994 -5.84 24.49 -3.90
N PRO A 995 -6.30 25.18 -4.96
CA PRO A 995 -5.98 26.60 -5.13
C PRO A 995 -6.43 27.55 -4.03
N ASP A 996 -7.34 27.13 -3.13
CA ASP A 996 -7.68 27.97 -2.00
C ASP A 996 -6.81 27.68 -0.76
N GLY A 997 -5.93 26.68 -0.81
CA GLY A 997 -4.89 26.47 0.17
C GLY A 997 -5.29 25.87 1.51
N PHE A 998 -6.55 25.46 1.70
CA PHE A 998 -6.90 24.71 2.89
C PHE A 998 -6.63 23.22 2.70
N THR A 999 -6.12 22.57 3.76
CA THR A 999 -5.73 21.16 3.72
C THR A 999 -6.80 20.29 4.37
N ALA A 1000 -6.73 18.99 4.09
CA ALA A 1000 -7.59 18.00 4.72
C ALA A 1000 -7.47 18.01 6.25
N GLU A 1001 -6.25 18.27 6.75
CA GLU A 1001 -5.99 18.41 8.17
C GLU A 1001 -6.81 19.52 8.82
N PHE A 1002 -7.12 20.60 8.09
CA PHE A 1002 -7.99 21.64 8.64
C PHE A 1002 -9.41 21.12 8.89
N TYR A 1003 -10.00 20.43 7.91
CA TYR A 1003 -11.37 19.94 8.06
C TYR A 1003 -11.47 18.90 9.17
N GLN A 1004 -10.49 18.00 9.25
CA GLN A 1004 -10.37 17.06 10.35
C GLN A 1004 -10.28 17.75 11.72
N ARG A 1005 -9.48 18.81 11.83
CA ARG A 1005 -9.31 19.50 13.11
C ARG A 1005 -10.59 20.18 13.59
N TYR A 1006 -11.33 20.85 12.71
CA TYR A 1006 -12.52 21.59 13.13
C TYR A 1006 -13.84 20.96 12.68
N LYS A 1007 -13.86 19.65 12.44
CA LYS A 1007 -15.08 18.97 12.00
C LYS A 1007 -16.29 19.19 12.92
N GLU A 1008 -16.09 19.44 14.21
CA GLU A 1008 -17.22 19.66 15.10
C GLU A 1008 -17.98 20.95 14.78
N GLU A 1009 -17.25 22.06 14.62
CA GLU A 1009 -17.88 23.32 14.24
C GLU A 1009 -18.28 23.33 12.76
N LEU A 1010 -17.44 22.78 11.88
CA LEU A 1010 -17.69 22.85 10.45
C LEU A 1010 -18.87 21.98 9.97
N VAL A 1011 -19.00 20.75 10.47
CA VAL A 1011 -19.95 19.81 9.89
C VAL A 1011 -21.39 20.33 9.94
N PRO A 1012 -21.87 21.01 11.00
CA PRO A 1012 -23.19 21.63 10.90
C PRO A 1012 -23.39 22.55 9.70
N PHE A 1013 -22.41 23.42 9.43
CA PHE A 1013 -22.52 24.36 8.32
C PHE A 1013 -22.30 23.67 6.97
N LEU A 1014 -21.39 22.69 6.90
CA LEU A 1014 -21.23 21.90 5.68
C LEU A 1014 -22.51 21.18 5.27
N LEU A 1015 -23.29 20.70 6.25
CA LEU A 1015 -24.57 20.09 5.95
C LEU A 1015 -25.54 21.11 5.31
N LYS A 1016 -25.61 22.31 5.88
CA LYS A 1016 -26.42 23.36 5.30
C LYS A 1016 -26.02 23.69 3.86
N LEU A 1017 -24.71 23.64 3.55
CA LEU A 1017 -24.26 23.89 2.20
C LEU A 1017 -24.78 22.83 1.23
N PHE A 1018 -24.58 21.55 1.56
CA PHE A 1018 -24.97 20.48 0.63
C PHE A 1018 -26.48 20.39 0.44
N GLN A 1019 -27.24 20.59 1.51
CA GLN A 1019 -28.69 20.66 1.39
C GLN A 1019 -29.16 21.80 0.48
N SER A 1020 -28.48 22.94 0.51
CA SER A 1020 -28.78 24.04 -0.39
C SER A 1020 -28.40 23.71 -1.84
N ILE A 1021 -27.34 22.92 -2.04
CA ILE A 1021 -27.01 22.44 -3.39
C ILE A 1021 -28.04 21.42 -3.89
N GLU A 1022 -28.48 20.52 -3.03
CA GLU A 1022 -29.53 19.58 -3.41
C GLU A 1022 -30.78 20.31 -3.90
N LYS A 1023 -31.24 21.28 -3.12
CA LYS A 1023 -32.45 22.03 -3.44
C LYS A 1023 -32.32 22.81 -4.75
N GLU A 1024 -31.20 23.50 -4.94
CA GLU A 1024 -31.12 24.53 -5.98
C GLU A 1024 -30.27 24.16 -7.18
N GLY A 1025 -29.37 23.17 -7.06
CA GLY A 1025 -28.51 22.79 -8.17
C GLY A 1025 -27.44 23.82 -8.54
N ILE A 1026 -27.08 24.72 -7.59
CA ILE A 1026 -26.08 25.75 -7.83
C ILE A 1026 -24.89 25.50 -6.90
N LEU A 1027 -23.65 25.47 -7.45
CA LEU A 1027 -22.42 25.35 -6.68
C LEU A 1027 -21.83 26.71 -6.32
N PRO A 1028 -21.12 26.82 -5.17
CA PRO A 1028 -20.20 27.93 -4.95
C PRO A 1028 -19.15 28.05 -6.05
N ASN A 1029 -18.77 29.28 -6.38
CA ASN A 1029 -17.87 29.55 -7.49
C ASN A 1029 -16.50 28.88 -7.33
N SER A 1030 -16.00 28.78 -6.09
CA SER A 1030 -14.71 28.13 -5.82
C SER A 1030 -14.68 26.64 -6.17
N PHE A 1031 -15.81 25.94 -6.12
CA PHE A 1031 -15.85 24.52 -6.47
C PHE A 1031 -15.36 24.24 -7.90
N TYR A 1032 -15.49 25.22 -8.80
CA TYR A 1032 -15.07 25.07 -10.20
C TYR A 1032 -13.55 25.12 -10.42
N GLU A 1033 -12.76 25.69 -9.49
CA GLU A 1033 -11.35 25.96 -9.70
C GLU A 1033 -10.45 24.74 -9.50
N ALA A 1034 -9.39 24.62 -10.32
CA ALA A 1034 -8.33 23.63 -10.13
C ALA A 1034 -6.97 24.15 -10.61
N SER A 1035 -5.90 23.66 -9.97
CA SER A 1035 -4.51 23.94 -10.34
C SER A 1035 -3.88 22.76 -11.07
N ILE A 1036 -3.30 23.01 -12.25
CA ILE A 1036 -2.57 21.99 -13.01
C ILE A 1036 -1.06 22.16 -12.80
N ILE A 1037 -0.40 21.10 -12.30
CA ILE A 1037 1.05 21.02 -12.15
C ILE A 1037 1.64 20.10 -13.21
N LEU A 1038 2.78 20.50 -13.81
CA LEU A 1038 3.39 19.78 -14.91
C LEU A 1038 4.66 19.05 -14.44
N ILE A 1039 4.71 17.73 -14.67
CA ILE A 1039 5.82 16.90 -14.24
C ILE A 1039 6.50 16.28 -15.45
N PRO A 1040 7.84 16.42 -15.60
CA PRO A 1040 8.54 15.79 -16.71
C PRO A 1040 8.56 14.26 -16.62
N LYS A 1041 8.45 13.59 -17.79
CA LYS A 1041 8.52 12.14 -17.89
C LYS A 1041 9.96 11.61 -17.85
N PRO A 1042 10.18 10.44 -17.22
CA PRO A 1042 11.52 9.86 -17.14
C PRO A 1042 12.19 9.56 -18.48
N GLY A 1043 13.49 9.91 -18.57
CA GLY A 1043 14.32 9.57 -19.71
C GLY A 1043 13.87 10.21 -21.02
N ARG A 1044 13.15 11.34 -20.91
CA ARG A 1044 12.46 11.97 -22.01
C ARG A 1044 12.94 13.42 -22.15
N ASP A 1045 12.77 13.97 -23.36
CA ASP A 1045 13.52 15.12 -23.80
C ASP A 1045 12.68 16.36 -23.51
N THR A 1046 13.06 17.08 -22.46
CA THR A 1046 12.35 18.24 -21.93
C THR A 1046 12.10 19.34 -22.97
N THR A 1047 12.83 19.33 -24.09
CA THR A 1047 12.62 20.29 -25.16
C THR A 1047 11.16 20.33 -25.64
N LYS A 1048 10.46 19.19 -25.61
CA LYS A 1048 9.11 19.11 -26.17
C LYS A 1048 8.06 19.18 -25.08
N LYS A 1049 7.06 20.04 -25.28
CA LYS A 1049 5.94 20.21 -24.37
C LYS A 1049 5.15 18.93 -24.11
N GLU A 1050 5.07 18.03 -25.11
CA GLU A 1050 4.37 16.76 -24.96
C GLU A 1050 4.93 15.89 -23.82
N ASN A 1051 6.22 16.02 -23.52
CA ASN A 1051 6.89 15.20 -22.52
C ASN A 1051 6.48 15.46 -21.06
N PHE A 1052 5.82 16.58 -20.75
CA PHE A 1052 5.28 16.74 -19.40
C PHE A 1052 3.94 16.01 -19.21
N ARG A 1053 3.69 15.50 -17.99
CA ARG A 1053 2.38 15.00 -17.59
C ARG A 1053 1.72 15.93 -16.57
N PRO A 1054 0.45 16.33 -16.78
CA PRO A 1054 -0.26 17.16 -15.83
C PRO A 1054 -0.88 16.37 -14.69
N ILE A 1055 -0.99 17.00 -13.51
CA ILE A 1055 -1.86 16.54 -12.45
C ILE A 1055 -2.64 17.72 -11.89
N SER A 1056 -3.92 17.49 -11.57
CA SER A 1056 -4.87 18.53 -11.18
C SER A 1056 -5.13 18.48 -9.68
N LEU A 1057 -5.04 19.65 -9.03
CA LEU A 1057 -5.40 19.80 -7.63
C LEU A 1057 -6.74 20.54 -7.52
N MET A 1058 -7.73 19.87 -6.92
CA MET A 1058 -9.03 20.45 -6.63
C MET A 1058 -9.13 20.83 -5.15
N ASN A 1059 -10.08 21.71 -4.83
CA ASN A 1059 -10.35 22.09 -3.45
C ASN A 1059 -10.94 20.91 -2.68
N ILE A 1060 -10.66 20.87 -1.37
CA ILE A 1060 -11.06 19.75 -0.54
C ILE A 1060 -12.57 19.73 -0.28
N ASP A 1061 -13.21 20.88 -0.08
CA ASP A 1061 -14.67 20.91 0.05
C ASP A 1061 -15.38 20.37 -1.19
N ALA A 1062 -14.82 20.63 -2.37
CA ALA A 1062 -15.40 20.11 -3.62
C ALA A 1062 -15.19 18.60 -3.76
N LYS A 1063 -14.04 18.11 -3.30
CA LYS A 1063 -13.78 16.67 -3.24
C LYS A 1063 -14.67 15.94 -2.23
N ILE A 1064 -15.07 16.60 -1.15
CA ILE A 1064 -16.01 16.00 -0.22
C ILE A 1064 -17.35 15.74 -0.91
N LEU A 1065 -17.91 16.74 -1.59
CA LEU A 1065 -19.14 16.54 -2.32
C LEU A 1065 -19.02 15.45 -3.39
N ASN A 1066 -17.94 15.48 -4.17
CA ASN A 1066 -17.75 14.50 -5.23
C ASN A 1066 -17.55 13.08 -4.69
N LYS A 1067 -16.89 12.94 -3.53
CA LYS A 1067 -16.77 11.65 -2.88
C LYS A 1067 -18.12 11.08 -2.45
N ILE A 1068 -19.00 11.92 -1.90
CA ILE A 1068 -20.36 11.52 -1.58
C ILE A 1068 -21.07 10.91 -2.79
N LEU A 1069 -20.98 11.57 -3.94
CA LEU A 1069 -21.66 11.09 -5.14
C LEU A 1069 -21.06 9.79 -5.67
N ALA A 1070 -19.73 9.66 -5.62
CA ALA A 1070 -19.08 8.45 -6.14
C ALA A 1070 -19.39 7.22 -5.28
N ASN A 1071 -19.49 7.38 -3.96
CA ASN A 1071 -19.87 6.28 -3.09
C ASN A 1071 -21.29 5.77 -3.38
N ARG A 1072 -22.23 6.67 -3.64
CA ARG A 1072 -23.59 6.27 -3.92
C ARG A 1072 -23.70 5.43 -5.18
N ILE A 1073 -23.09 5.87 -6.28
CA ILE A 1073 -23.18 5.13 -7.52
C ILE A 1073 -22.41 3.81 -7.45
N GLN A 1074 -21.33 3.76 -6.66
CA GLN A 1074 -20.55 2.55 -6.50
C GLN A 1074 -21.35 1.36 -5.95
N GLN A 1075 -22.35 1.62 -5.10
CA GLN A 1075 -23.23 0.56 -4.62
C GLN A 1075 -23.90 -0.23 -5.76
N HIS A 1076 -24.44 0.50 -6.75
CA HIS A 1076 -25.12 -0.07 -7.90
C HIS A 1076 -24.23 -0.63 -9.01
N ILE A 1077 -22.94 -0.27 -9.07
CA ILE A 1077 -22.15 -0.37 -10.29
C ILE A 1077 -22.17 -1.75 -10.96
N LYS A 1078 -22.28 -2.84 -10.18
CA LYS A 1078 -22.34 -4.17 -10.75
C LYS A 1078 -23.62 -4.45 -11.56
N LYS A 1079 -24.72 -3.76 -11.23
CA LYS A 1079 -25.88 -3.75 -12.11
C LYS A 1079 -25.55 -3.14 -13.48
N LEU A 1080 -24.82 -2.02 -13.49
CA LEU A 1080 -24.51 -1.31 -14.74
C LEU A 1080 -23.40 -1.95 -15.57
N ILE A 1081 -22.30 -2.41 -14.95
CA ILE A 1081 -21.11 -2.81 -15.68
C ILE A 1081 -21.00 -4.33 -15.69
N HIS A 1082 -20.85 -4.90 -16.89
CA HIS A 1082 -20.60 -6.33 -17.07
C HIS A 1082 -19.27 -6.70 -16.42
N HIS A 1083 -19.08 -7.99 -16.16
CA HIS A 1083 -17.84 -8.49 -15.57
C HIS A 1083 -16.67 -8.60 -16.56
N ASP A 1084 -16.83 -8.19 -17.83
CA ASP A 1084 -15.65 -8.05 -18.69
C ASP A 1084 -14.76 -6.87 -18.31
N GLN A 1085 -15.31 -5.90 -17.56
CA GLN A 1085 -14.57 -4.77 -17.04
C GLN A 1085 -14.14 -5.04 -15.61
N VAL A 1086 -12.85 -4.93 -15.32
CA VAL A 1086 -12.33 -5.11 -13.97
C VAL A 1086 -11.67 -3.87 -13.39
N GLY A 1087 -11.40 -2.83 -14.20
CA GLY A 1087 -10.73 -1.64 -13.70
C GLY A 1087 -11.66 -0.76 -12.88
N PHE A 1088 -11.16 -0.32 -11.71
CA PHE A 1088 -11.87 0.50 -10.73
C PHE A 1088 -13.05 -0.18 -10.04
N ILE A 1089 -13.27 -1.48 -10.27
CA ILE A 1089 -14.46 -2.15 -9.75
C ILE A 1089 -14.10 -2.80 -8.42
N PRO A 1090 -14.88 -2.59 -7.35
CA PRO A 1090 -14.61 -3.24 -6.07
C PRO A 1090 -14.65 -4.77 -6.15
N GLY A 1091 -13.63 -5.41 -5.56
CA GLY A 1091 -13.58 -6.86 -5.48
C GLY A 1091 -13.09 -7.57 -6.73
N MET A 1092 -12.84 -6.87 -7.84
CA MET A 1092 -12.31 -7.53 -9.01
C MET A 1092 -10.77 -7.53 -8.97
N GLN A 1093 -10.16 -8.31 -9.85
CA GLN A 1093 -8.70 -8.42 -9.91
C GLN A 1093 -8.22 -8.30 -11.34
N GLY A 1094 -7.10 -7.63 -11.55
CA GLY A 1094 -6.50 -7.49 -12.86
C GLY A 1094 -6.04 -8.81 -13.47
N TRP A 1095 -5.59 -9.74 -12.63
CA TRP A 1095 -5.15 -11.06 -13.07
C TRP A 1095 -6.29 -11.89 -13.70
N PHE A 1096 -7.55 -11.59 -13.40
CA PHE A 1096 -8.66 -12.24 -14.10
C PHE A 1096 -8.56 -12.13 -15.62
N ASN A 1097 -8.23 -10.94 -16.12
CA ASN A 1097 -8.07 -10.74 -17.56
C ASN A 1097 -6.78 -11.37 -18.10
N ILE A 1098 -5.72 -11.41 -17.29
CA ILE A 1098 -4.46 -11.99 -17.75
C ILE A 1098 -4.62 -13.50 -17.98
N ARG A 1099 -5.16 -14.22 -17.00
CA ARG A 1099 -5.36 -15.65 -17.13
C ARG A 1099 -6.35 -16.04 -18.23
N LYS A 1100 -7.47 -15.32 -18.35
CA LYS A 1100 -8.36 -15.51 -19.48
C LYS A 1100 -7.65 -15.36 -20.83
N SER A 1101 -6.82 -14.34 -20.98
CA SER A 1101 -6.15 -14.10 -22.26
C SER A 1101 -5.15 -15.21 -22.61
N ILE A 1102 -4.39 -15.68 -21.62
CA ILE A 1102 -3.47 -16.80 -21.82
C ILE A 1102 -4.23 -18.09 -22.19
N ASN A 1103 -5.37 -18.34 -21.56
CA ASN A 1103 -6.20 -19.49 -21.93
C ASN A 1103 -6.75 -19.40 -23.35
N VAL A 1104 -7.14 -18.21 -23.81
CA VAL A 1104 -7.53 -18.03 -25.20
C VAL A 1104 -6.38 -18.33 -26.16
N ILE A 1105 -5.16 -17.85 -25.86
CA ILE A 1105 -4.03 -18.08 -26.73
C ILE A 1105 -3.69 -19.57 -26.83
N GLN A 1106 -3.84 -20.33 -25.73
CA GLN A 1106 -3.63 -21.77 -25.79
C GLN A 1106 -4.66 -22.47 -26.69
N HIS A 1107 -5.92 -22.10 -26.59
CA HIS A 1107 -6.95 -22.63 -27.48
C HIS A 1107 -6.59 -22.48 -28.96
N ILE A 1108 -6.05 -21.33 -29.34
CA ILE A 1108 -5.67 -21.11 -30.73
C ILE A 1108 -4.46 -21.95 -31.11
N ASN A 1109 -3.48 -22.05 -30.20
CA ASN A 1109 -2.31 -22.89 -30.44
C ASN A 1109 -2.68 -24.35 -30.68
N ARG A 1110 -3.66 -24.86 -29.94
CA ARG A 1110 -4.14 -26.23 -30.12
C ARG A 1110 -4.99 -26.42 -31.39
N ALA A 1111 -5.73 -25.39 -31.81
CA ALA A 1111 -6.71 -25.56 -32.89
C ALA A 1111 -6.04 -26.01 -34.20
N LYS A 1112 -6.74 -26.91 -34.92
CA LYS A 1112 -6.22 -27.50 -36.14
C LYS A 1112 -6.37 -26.57 -37.34
N ASP A 1113 -7.49 -25.83 -37.37
CA ASP A 1113 -7.72 -24.80 -38.37
C ASP A 1113 -7.59 -23.43 -37.69
N LYS A 1114 -6.61 -22.65 -38.15
CA LYS A 1114 -6.30 -21.37 -37.54
C LYS A 1114 -6.77 -20.25 -38.46
N ASN A 1115 -7.76 -19.48 -37.98
CA ASN A 1115 -8.17 -18.23 -38.58
C ASN A 1115 -8.67 -17.32 -37.46
N HIS A 1116 -7.78 -16.52 -36.90
CA HIS A 1116 -8.01 -15.88 -35.61
C HIS A 1116 -7.11 -14.65 -35.45
N MET A 1117 -7.54 -13.70 -34.64
CA MET A 1117 -6.73 -12.52 -34.34
C MET A 1117 -6.99 -12.05 -32.92
N ILE A 1118 -5.93 -11.60 -32.23
CA ILE A 1118 -6.01 -11.01 -30.90
C ILE A 1118 -5.42 -9.60 -30.93
N ILE A 1119 -6.22 -8.59 -30.57
CA ILE A 1119 -5.90 -7.18 -30.79
C ILE A 1119 -5.86 -6.44 -29.46
N SER A 1120 -4.74 -5.76 -29.19
CA SER A 1120 -4.62 -4.86 -28.05
C SER A 1120 -4.75 -3.42 -28.55
N ILE A 1121 -5.76 -2.69 -28.04
CA ILE A 1121 -6.22 -1.45 -28.66
C ILE A 1121 -5.72 -0.25 -27.87
N ASP A 1122 -5.07 0.69 -28.58
CA ASP A 1122 -4.45 1.88 -28.01
C ASP A 1122 -5.40 3.09 -28.02
N ALA A 1123 -6.10 3.33 -26.91
CA ALA A 1123 -6.91 4.53 -26.76
C ALA A 1123 -6.01 5.75 -26.52
N GLU A 1124 -6.40 6.91 -27.07
CA GLU A 1124 -5.64 8.14 -26.90
C GLU A 1124 -6.31 9.13 -25.94
N LYS A 1125 -5.58 9.50 -24.87
CA LYS A 1125 -5.97 10.53 -23.91
C LYS A 1125 -7.43 10.43 -23.45
N ALA A 1126 -7.90 9.19 -23.25
CA ALA A 1126 -9.33 8.89 -23.24
C ALA A 1126 -10.12 9.75 -22.24
N PHE A 1127 -9.57 9.94 -21.04
CA PHE A 1127 -10.25 10.71 -20.01
C PHE A 1127 -10.45 12.18 -20.37
N ASP A 1128 -9.50 12.78 -21.11
CA ASP A 1128 -9.62 14.15 -21.56
C ASP A 1128 -10.59 14.35 -22.72
N LYS A 1129 -10.73 13.35 -23.61
CA LYS A 1129 -11.49 13.53 -24.85
C LYS A 1129 -12.97 13.13 -24.79
N ILE A 1130 -13.47 12.59 -23.67
CA ILE A 1130 -14.88 12.29 -23.55
C ILE A 1130 -15.74 13.57 -23.63
N GLN A 1131 -16.72 13.56 -24.53
CA GLN A 1131 -17.69 14.65 -24.64
C GLN A 1131 -18.71 14.63 -23.50
N GLN A 1132 -18.77 15.72 -22.76
CA GLN A 1132 -19.70 15.89 -21.64
C GLN A 1132 -21.18 15.83 -22.00
N PRO A 1133 -21.68 16.35 -23.16
CA PRO A 1133 -23.08 16.15 -23.49
C PRO A 1133 -23.48 14.69 -23.69
N PHE A 1134 -22.61 13.89 -24.32
CA PHE A 1134 -22.89 12.48 -24.51
C PHE A 1134 -22.92 11.72 -23.18
N MET A 1135 -21.99 12.05 -22.28
CA MET A 1135 -21.95 11.49 -20.94
C MET A 1135 -23.25 11.74 -20.17
N LEU A 1136 -23.79 12.96 -20.22
CA LEU A 1136 -25.02 13.26 -19.51
C LEU A 1136 -26.24 12.58 -20.14
N LYS A 1137 -26.28 12.43 -21.47
CA LYS A 1137 -27.32 11.66 -22.12
C LYS A 1137 -27.29 10.18 -21.72
N THR A 1138 -26.09 9.60 -21.65
CA THR A 1138 -25.93 8.22 -21.20
C THR A 1138 -26.54 8.00 -19.80
N LEU A 1139 -26.28 8.88 -18.85
CA LEU A 1139 -26.87 8.75 -17.53
C LEU A 1139 -28.40 8.72 -17.55
N ASN A 1140 -29.03 9.56 -18.37
CA ASN A 1140 -30.48 9.53 -18.50
C ASN A 1140 -30.99 8.21 -19.06
N LYS A 1141 -30.31 7.66 -20.07
CA LYS A 1141 -30.76 6.42 -20.68
C LYS A 1141 -30.68 5.23 -19.72
N LEU A 1142 -29.64 5.19 -18.88
CA LEU A 1142 -29.58 4.22 -17.79
C LEU A 1142 -30.64 4.46 -16.73
N GLY A 1143 -31.24 5.65 -16.70
CA GLY A 1143 -32.39 5.91 -15.84
C GLY A 1143 -32.05 6.70 -14.59
N ILE A 1144 -30.85 7.31 -14.55
CA ILE A 1144 -30.47 8.21 -13.48
C ILE A 1144 -31.01 9.60 -13.82
N ASP A 1145 -31.91 10.10 -12.98
CA ASP A 1145 -32.47 11.44 -13.10
C ASP A 1145 -32.98 11.86 -11.72
N GLY A 1146 -33.37 13.13 -11.62
CA GLY A 1146 -33.71 13.72 -10.33
C GLY A 1146 -32.49 14.35 -9.67
N THR A 1147 -32.56 14.47 -8.34
CA THR A 1147 -31.60 15.24 -7.57
C THR A 1147 -30.15 14.83 -7.86
N TYR A 1148 -29.89 13.53 -8.05
CA TYR A 1148 -28.53 13.09 -8.32
C TYR A 1148 -28.04 13.58 -9.69
N PHE A 1149 -28.89 13.51 -10.71
CA PHE A 1149 -28.52 13.97 -12.04
C PHE A 1149 -28.36 15.48 -12.10
N LYS A 1150 -29.21 16.20 -11.37
CA LYS A 1150 -29.15 17.65 -11.26
C LYS A 1150 -27.81 18.12 -10.66
N ILE A 1151 -27.32 17.47 -9.61
CA ILE A 1151 -26.01 17.81 -9.05
C ILE A 1151 -24.87 17.47 -10.01
N ILE A 1152 -24.91 16.33 -10.70
CA ILE A 1152 -23.87 16.02 -11.68
C ILE A 1152 -23.85 17.04 -12.81
N ARG A 1153 -25.03 17.50 -13.25
CA ARG A 1153 -25.09 18.49 -14.31
C ARG A 1153 -24.47 19.82 -13.90
N ALA A 1154 -24.72 20.25 -12.66
CA ALA A 1154 -24.08 21.44 -12.10
C ALA A 1154 -22.55 21.34 -12.10
N ILE A 1155 -21.99 20.18 -11.75
CA ILE A 1155 -20.55 20.03 -11.66
C ILE A 1155 -19.86 20.29 -13.01
N TYR A 1156 -20.48 19.91 -14.10
CA TYR A 1156 -19.88 20.05 -15.43
C TYR A 1156 -20.29 21.35 -16.12
N ASP A 1157 -20.98 22.25 -15.42
CA ASP A 1157 -21.52 23.45 -16.02
C ASP A 1157 -20.44 24.45 -16.46
N LYS A 1158 -19.54 24.83 -15.55
CA LYS A 1158 -18.35 25.58 -15.93
C LYS A 1158 -17.12 25.27 -15.06
N PRO A 1159 -16.42 24.14 -15.32
CA PRO A 1159 -15.10 23.95 -14.74
C PRO A 1159 -14.01 24.73 -15.46
N THR A 1160 -13.03 25.25 -14.70
CA THR A 1160 -11.87 25.94 -15.24
C THR A 1160 -10.60 25.46 -14.53
N ALA A 1161 -9.44 25.63 -15.21
CA ALA A 1161 -8.13 25.30 -14.64
C ALA A 1161 -7.17 26.47 -14.76
N ASN A 1162 -6.23 26.58 -13.79
CA ASN A 1162 -5.04 27.41 -13.90
C ASN A 1162 -3.78 26.55 -13.95
N ILE A 1163 -2.96 26.72 -14.99
CA ILE A 1163 -1.61 26.15 -15.00
C ILE A 1163 -0.75 26.90 -13.99
N ILE A 1164 0.12 26.15 -13.28
CA ILE A 1164 1.13 26.73 -12.41
C ILE A 1164 2.51 26.29 -12.91
N LEU A 1165 3.17 27.18 -13.66
CA LEU A 1165 4.46 26.92 -14.28
C LEU A 1165 5.54 27.74 -13.57
N ASN A 1166 6.63 27.08 -13.17
CA ASN A 1166 7.72 27.72 -12.44
C ASN A 1166 7.22 28.48 -11.22
N GLY A 1167 6.23 27.91 -10.53
CA GLY A 1167 5.62 28.55 -9.39
C GLY A 1167 4.72 29.75 -9.71
N GLN A 1168 4.59 30.11 -11.00
CA GLN A 1168 3.84 31.28 -11.42
C GLN A 1168 2.49 30.82 -11.98
N LYS A 1169 1.42 31.48 -11.54
CA LYS A 1169 0.05 31.09 -11.87
C LYS A 1169 -0.41 31.77 -13.16
N LEU A 1170 -0.57 30.98 -14.23
CA LEU A 1170 -1.05 31.47 -15.51
C LEU A 1170 -2.56 31.67 -15.52
N GLU A 1171 -3.04 32.45 -16.49
CA GLU A 1171 -4.45 32.78 -16.66
C GLU A 1171 -5.30 31.53 -16.98
N ALA A 1172 -6.47 31.45 -16.33
CA ALA A 1172 -7.36 30.30 -16.46
C ALA A 1172 -7.93 30.13 -17.87
N PHE A 1173 -8.41 28.91 -18.15
CA PHE A 1173 -9.16 28.56 -19.35
C PHE A 1173 -10.25 27.55 -19.00
N PRO A 1174 -11.35 27.49 -19.78
CA PRO A 1174 -12.43 26.54 -19.51
C PRO A 1174 -12.10 25.10 -19.94
N LEU A 1175 -12.54 24.14 -19.13
CA LEU A 1175 -12.46 22.71 -19.45
C LEU A 1175 -13.75 22.25 -20.14
N LYS A 1176 -13.78 22.31 -21.47
CA LYS A 1176 -15.01 22.08 -22.20
C LYS A 1176 -15.17 20.62 -22.69
N THR A 1177 -14.10 19.82 -22.60
CA THR A 1177 -14.16 18.38 -22.81
C THR A 1177 -13.56 17.68 -21.61
N GLY A 1178 -13.98 16.43 -21.39
CA GLY A 1178 -13.27 15.54 -20.50
C GLY A 1178 -14.02 15.32 -19.20
N THR A 1179 -13.57 14.30 -18.47
CA THR A 1179 -13.84 14.21 -17.04
C THR A 1179 -12.73 14.95 -16.29
N ARG A 1180 -13.07 15.41 -15.09
CA ARG A 1180 -12.14 16.16 -14.26
C ARG A 1180 -11.00 15.25 -13.76
N GLN A 1181 -9.77 15.59 -14.12
CA GLN A 1181 -8.61 14.71 -13.99
C GLN A 1181 -8.16 14.41 -12.56
N GLY A 1182 -8.63 15.16 -11.56
CA GLY A 1182 -8.23 14.85 -10.20
C GLY A 1182 -9.41 14.57 -9.26
N CYS A 1183 -10.49 14.05 -9.83
CA CYS A 1183 -11.79 14.00 -9.18
C CYS A 1183 -12.14 12.55 -8.78
N PRO A 1184 -12.66 12.34 -7.57
CA PRO A 1184 -13.17 11.02 -7.17
C PRO A 1184 -14.17 10.37 -8.12
N LEU A 1185 -14.99 11.19 -8.78
CA LEU A 1185 -16.13 10.69 -9.56
C LEU A 1185 -15.78 10.35 -11.00
N SER A 1186 -14.67 10.87 -11.50
CA SER A 1186 -14.26 10.68 -12.89
C SER A 1186 -14.04 9.21 -13.30
N PRO A 1187 -13.40 8.35 -12.49
CA PRO A 1187 -13.20 6.95 -12.89
C PRO A 1187 -14.46 6.15 -13.24
N LEU A 1188 -15.51 6.23 -12.41
CA LEU A 1188 -16.76 5.55 -12.68
C LEU A 1188 -17.54 6.16 -13.85
N LEU A 1189 -17.59 7.48 -13.95
CA LEU A 1189 -18.23 8.12 -15.09
C LEU A 1189 -17.57 7.71 -16.41
N PHE A 1190 -16.25 7.56 -16.44
CA PHE A 1190 -15.60 7.08 -17.66
C PHE A 1190 -16.04 5.65 -17.99
N ASN A 1191 -16.10 4.78 -16.98
CA ASN A 1191 -16.46 3.39 -17.22
C ASN A 1191 -17.88 3.25 -17.78
N ILE A 1192 -18.83 3.94 -17.16
CA ILE A 1192 -20.21 3.95 -17.62
C ILE A 1192 -20.35 4.41 -19.08
N VAL A 1193 -19.57 5.39 -19.50
CA VAL A 1193 -19.58 5.80 -20.90
C VAL A 1193 -18.97 4.73 -21.79
N LEU A 1194 -17.85 4.13 -21.38
CA LEU A 1194 -17.23 3.09 -22.19
C LEU A 1194 -18.07 1.81 -22.26
N GLU A 1195 -18.88 1.54 -21.23
CA GLU A 1195 -19.78 0.41 -21.22
C GLU A 1195 -20.80 0.44 -22.38
N VAL A 1196 -21.22 1.62 -22.82
CA VAL A 1196 -22.05 1.73 -24.01
C VAL A 1196 -21.36 1.11 -25.22
N LEU A 1197 -20.05 1.31 -25.40
CA LEU A 1197 -19.36 0.68 -26.51
C LEU A 1197 -19.21 -0.82 -26.31
N ALA A 1198 -18.91 -1.26 -25.08
CA ALA A 1198 -18.71 -2.69 -24.81
C ALA A 1198 -19.98 -3.50 -25.09
N ARG A 1199 -21.14 -2.98 -24.69
CA ARG A 1199 -22.41 -3.62 -24.99
C ARG A 1199 -22.73 -3.66 -26.49
N ALA A 1200 -22.32 -2.66 -27.25
CA ALA A 1200 -22.50 -2.69 -28.69
C ALA A 1200 -21.66 -3.78 -29.36
N ILE A 1201 -20.41 -3.97 -28.91
CA ILE A 1201 -19.56 -4.98 -29.51
C ILE A 1201 -20.08 -6.39 -29.21
N ARG A 1202 -20.50 -6.62 -27.96
CA ARG A 1202 -21.02 -7.93 -27.58
C ARG A 1202 -22.27 -8.29 -28.39
N GLN A 1203 -23.18 -7.34 -28.55
CA GLN A 1203 -24.46 -7.57 -29.22
C GLN A 1203 -24.32 -7.76 -30.73
N GLU A 1204 -23.32 -7.15 -31.38
CA GLU A 1204 -23.15 -7.30 -32.81
C GLU A 1204 -22.65 -8.70 -33.16
N LYS A 1205 -23.51 -9.50 -33.82
CA LYS A 1205 -23.19 -10.88 -34.17
C LYS A 1205 -22.27 -11.03 -35.38
N GLU A 1206 -22.08 -9.98 -36.19
CA GLU A 1206 -21.12 -10.06 -37.29
C GLU A 1206 -19.67 -9.82 -36.87
N ILE A 1207 -19.45 -9.31 -35.66
CA ILE A 1207 -18.15 -9.39 -35.00
C ILE A 1207 -18.13 -10.71 -34.23
N LYS A 1208 -17.46 -11.72 -34.78
CA LYS A 1208 -17.47 -13.04 -34.17
C LYS A 1208 -16.42 -13.19 -33.06
N GLY A 1209 -16.87 -13.62 -31.89
CA GLY A 1209 -15.99 -14.01 -30.80
C GLY A 1209 -15.34 -15.38 -31.06
N ILE A 1210 -14.53 -15.80 -30.10
CA ILE A 1210 -13.97 -17.14 -30.09
C ILE A 1210 -14.79 -18.01 -29.14
N GLN A 1211 -15.11 -19.23 -29.60
CA GLN A 1211 -15.97 -20.16 -28.86
C GLN A 1211 -15.13 -21.20 -28.13
N LEU A 1212 -15.25 -21.23 -26.79
CA LEU A 1212 -14.56 -22.21 -25.94
C LEU A 1212 -15.59 -23.06 -25.23
N GLY A 1213 -15.93 -24.21 -25.82
CA GLY A 1213 -17.05 -25.00 -25.33
C GLY A 1213 -18.34 -24.18 -25.27
N LYS A 1214 -18.92 -24.08 -24.08
CA LYS A 1214 -20.12 -23.28 -23.86
C LYS A 1214 -19.83 -21.78 -23.71
N GLU A 1215 -18.55 -21.39 -23.70
CA GLU A 1215 -18.15 -20.00 -23.48
C GLU A 1215 -17.80 -19.32 -24.81
N GLU A 1216 -18.40 -18.15 -25.07
CA GLU A 1216 -17.88 -17.22 -26.06
C GLU A 1216 -17.13 -16.10 -25.34
N VAL A 1217 -15.96 -15.73 -25.88
CA VAL A 1217 -15.19 -14.58 -25.41
C VAL A 1217 -15.01 -13.60 -26.57
N LYS A 1218 -15.52 -12.36 -26.38
CA LYS A 1218 -15.15 -11.22 -27.22
C LYS A 1218 -14.11 -10.27 -26.59
N LEU A 1219 -14.37 -9.76 -25.38
CA LEU A 1219 -13.65 -8.61 -24.84
C LEU A 1219 -13.06 -8.90 -23.46
N SER A 1220 -11.97 -8.18 -23.13
CA SER A 1220 -11.62 -7.84 -21.76
C SER A 1220 -11.26 -6.36 -21.67
N LEU A 1221 -11.70 -5.70 -20.59
CA LEU A 1221 -11.41 -4.30 -20.35
C LEU A 1221 -10.70 -4.12 -19.00
N PHE A 1222 -9.77 -3.15 -18.95
CA PHE A 1222 -9.27 -2.64 -17.68
C PHE A 1222 -9.17 -1.12 -17.81
N ALA A 1223 -10.05 -0.40 -17.11
CA ALA A 1223 -10.27 1.02 -17.35
C ALA A 1223 -10.47 1.30 -18.85
N ASP A 1224 -9.56 2.08 -19.45
CA ASP A 1224 -9.57 2.38 -20.87
C ASP A 1224 -8.78 1.38 -21.71
N ASP A 1225 -8.06 0.45 -21.08
CA ASP A 1225 -7.30 -0.56 -21.81
C ASP A 1225 -8.22 -1.68 -22.32
N MET A 1226 -8.06 -2.07 -23.58
CA MET A 1226 -8.98 -2.99 -24.25
C MET A 1226 -8.20 -4.04 -25.04
N ILE A 1227 -8.60 -5.31 -24.86
CA ILE A 1227 -8.12 -6.41 -25.68
C ILE A 1227 -9.32 -7.13 -26.31
N VAL A 1228 -9.18 -7.51 -27.58
CA VAL A 1228 -10.28 -8.07 -28.37
C VAL A 1228 -9.86 -9.41 -28.97
N TYR A 1229 -10.77 -10.39 -28.95
CA TYR A 1229 -10.51 -11.75 -29.44
C TYR A 1229 -11.44 -12.05 -30.60
N LEU A 1230 -10.91 -12.25 -31.81
CA LEU A 1230 -11.74 -12.37 -33.00
C LEU A 1230 -11.50 -13.66 -33.76
N GLU A 1231 -12.58 -14.17 -34.36
CA GLU A 1231 -12.56 -15.30 -35.28
C GLU A 1231 -12.96 -14.82 -36.68
N ASN A 1232 -12.34 -15.41 -37.70
CA ASN A 1232 -12.50 -15.00 -39.09
C ASN A 1232 -12.22 -13.51 -39.26
N PRO A 1233 -10.95 -13.07 -39.11
CA PRO A 1233 -10.67 -11.66 -38.90
C PRO A 1233 -10.98 -10.73 -40.07
N ILE A 1234 -10.87 -11.22 -41.32
CA ILE A 1234 -10.97 -10.34 -42.48
C ILE A 1234 -12.35 -9.67 -42.57
N VAL A 1235 -13.42 -10.41 -42.26
CA VAL A 1235 -14.73 -9.80 -42.08
C VAL A 1235 -14.86 -9.16 -40.70
N SER A 1236 -14.49 -9.91 -39.65
CA SER A 1236 -14.81 -9.55 -38.28
C SER A 1236 -14.11 -8.27 -37.81
N ALA A 1237 -12.85 -8.09 -38.21
CA ALA A 1237 -12.11 -6.88 -37.85
C ALA A 1237 -12.58 -5.63 -38.59
N GLN A 1238 -13.03 -5.76 -39.85
CA GLN A 1238 -13.57 -4.61 -40.55
C GLN A 1238 -14.84 -4.09 -39.88
N ASN A 1239 -15.75 -4.99 -39.48
CA ASN A 1239 -16.95 -4.58 -38.78
C ASN A 1239 -16.67 -3.95 -37.42
N LEU A 1240 -15.61 -4.38 -36.74
CA LEU A 1240 -15.21 -3.75 -35.49
C LEU A 1240 -14.79 -2.29 -35.68
N LEU A 1241 -13.91 -2.03 -36.66
CA LEU A 1241 -13.50 -0.66 -36.96
C LEU A 1241 -14.66 0.25 -37.35
N LYS A 1242 -15.62 -0.24 -38.15
CA LYS A 1242 -16.80 0.55 -38.47
C LYS A 1242 -17.54 0.99 -37.21
N LEU A 1243 -17.78 0.06 -36.29
CA LEU A 1243 -18.53 0.38 -35.08
C LEU A 1243 -17.80 1.39 -34.21
N ILE A 1244 -16.47 1.31 -34.13
CA ILE A 1244 -15.70 2.26 -33.34
C ILE A 1244 -15.74 3.65 -33.96
N SER A 1245 -15.64 3.76 -35.29
CA SER A 1245 -15.85 5.03 -35.98
C SER A 1245 -17.18 5.70 -35.62
N ASN A 1246 -18.27 4.94 -35.59
CA ASN A 1246 -19.56 5.49 -35.22
C ASN A 1246 -19.59 5.98 -33.78
N PHE A 1247 -19.00 5.20 -32.86
CA PHE A 1247 -18.91 5.62 -31.47
C PHE A 1247 -18.02 6.85 -31.30
N SER A 1248 -16.92 6.93 -32.04
CA SER A 1248 -16.02 8.09 -32.00
C SER A 1248 -16.74 9.40 -32.33
N LYS A 1249 -17.59 9.39 -33.36
CA LYS A 1249 -18.32 10.60 -33.74
C LYS A 1249 -19.17 11.16 -32.60
N VAL A 1250 -20.00 10.33 -31.99
CA VAL A 1250 -20.84 10.79 -30.89
C VAL A 1250 -20.09 10.92 -29.56
N SER A 1251 -19.24 9.96 -29.19
CA SER A 1251 -18.59 10.00 -27.89
C SER A 1251 -17.38 10.94 -27.85
N GLY A 1252 -16.63 11.05 -28.95
CA GLY A 1252 -15.31 11.66 -28.92
C GLY A 1252 -14.16 10.70 -28.65
N TYR A 1253 -14.45 9.47 -28.21
CA TYR A 1253 -13.41 8.49 -27.93
C TYR A 1253 -12.66 8.12 -29.20
N LYS A 1254 -11.33 7.98 -29.08
CA LYS A 1254 -10.48 7.82 -30.26
C LYS A 1254 -9.34 6.84 -30.00
N ILE A 1255 -8.97 6.07 -31.04
CA ILE A 1255 -7.89 5.09 -30.97
C ILE A 1255 -6.85 5.41 -32.05
N ASN A 1256 -5.59 5.06 -31.76
CA ASN A 1256 -4.50 5.15 -32.73
C ASN A 1256 -4.22 3.75 -33.29
N VAL A 1257 -4.80 3.44 -34.44
CA VAL A 1257 -4.77 2.08 -34.98
C VAL A 1257 -3.35 1.56 -35.28
N GLN A 1258 -2.42 2.43 -35.68
CA GLN A 1258 -1.06 1.97 -35.92
C GLN A 1258 -0.31 1.60 -34.63
N LYS A 1259 -0.59 2.28 -33.52
CA LYS A 1259 -0.02 1.89 -32.24
C LYS A 1259 -0.61 0.60 -31.69
N SER A 1260 -1.86 0.26 -32.07
CA SER A 1260 -2.48 -0.99 -31.66
C SER A 1260 -1.74 -2.20 -32.25
N GLN A 1261 -1.53 -3.22 -31.40
CA GLN A 1261 -0.79 -4.42 -31.77
C GLN A 1261 -1.69 -5.65 -31.81
N ALA A 1262 -1.38 -6.59 -32.71
CA ALA A 1262 -2.18 -7.79 -32.89
C ALA A 1262 -1.30 -9.02 -33.09
N PHE A 1263 -1.80 -10.17 -32.62
CA PHE A 1263 -1.36 -11.49 -33.07
C PHE A 1263 -2.32 -11.99 -34.13
N LEU A 1264 -1.78 -12.48 -35.26
CA LEU A 1264 -2.60 -12.97 -36.35
C LEU A 1264 -2.23 -14.42 -36.65
N TYR A 1265 -3.23 -15.31 -36.70
CA TYR A 1265 -3.03 -16.73 -36.94
C TYR A 1265 -3.74 -17.15 -38.21
N THR A 1266 -2.99 -17.72 -39.16
CA THR A 1266 -3.53 -18.20 -40.43
C THR A 1266 -2.85 -19.51 -40.79
N ASN A 1267 -3.52 -20.29 -41.65
CA ASN A 1267 -3.02 -21.60 -42.04
C ASN A 1267 -1.78 -21.50 -42.95
N ASN A 1268 -1.66 -20.43 -43.73
CA ASN A 1268 -0.50 -20.25 -44.58
C ASN A 1268 -0.25 -18.75 -44.77
N ARG A 1269 0.89 -18.42 -45.39
CA ARG A 1269 1.35 -17.04 -45.44
C ARG A 1269 0.79 -16.23 -46.61
N GLN A 1270 0.22 -16.88 -47.64
CA GLN A 1270 -0.53 -16.12 -48.63
C GLN A 1270 -1.74 -15.43 -48.00
N THR A 1271 -2.50 -16.20 -47.20
CA THR A 1271 -3.64 -15.65 -46.47
C THR A 1271 -3.21 -14.58 -45.47
N GLU A 1272 -2.02 -14.73 -44.87
CA GLU A 1272 -1.52 -13.70 -43.96
C GLU A 1272 -1.26 -12.38 -44.70
N SER A 1273 -0.62 -12.46 -45.86
CA SER A 1273 -0.29 -11.26 -46.63
C SER A 1273 -1.54 -10.49 -47.06
N GLN A 1274 -2.63 -11.21 -47.36
CA GLN A 1274 -3.88 -10.56 -47.75
C GLN A 1274 -4.50 -9.80 -46.58
N ILE A 1275 -4.60 -10.46 -45.42
CA ILE A 1275 -5.21 -9.84 -44.25
C ILE A 1275 -4.38 -8.63 -43.77
N MET A 1276 -3.06 -8.76 -43.80
CA MET A 1276 -2.19 -7.64 -43.47
C MET A 1276 -2.30 -6.47 -44.45
N GLY A 1277 -2.51 -6.77 -45.74
CA GLY A 1277 -2.70 -5.72 -46.73
C GLY A 1277 -3.91 -4.83 -46.42
N GLU A 1278 -5.04 -5.46 -46.10
CA GLU A 1278 -6.26 -4.73 -45.82
C GLU A 1278 -6.24 -4.02 -44.46
N LEU A 1279 -5.75 -4.69 -43.39
CA LEU A 1279 -5.92 -4.12 -42.06
C LEU A 1279 -4.79 -3.16 -41.67
N PRO A 1280 -5.09 -2.16 -40.81
CA PRO A 1280 -4.08 -1.19 -40.39
C PRO A 1280 -3.10 -1.58 -39.27
N PHE A 1281 -3.33 -2.67 -38.53
CA PHE A 1281 -2.65 -2.85 -37.26
C PHE A 1281 -1.17 -3.21 -37.41
N THR A 1282 -0.41 -2.96 -36.34
CA THR A 1282 0.94 -3.48 -36.16
C THR A 1282 0.86 -4.96 -35.75
N ILE A 1283 1.53 -5.83 -36.48
CA ILE A 1283 1.53 -7.26 -36.19
C ILE A 1283 2.75 -7.62 -35.33
N ALA A 1284 2.48 -8.24 -34.17
CA ALA A 1284 3.51 -8.64 -33.23
C ALA A 1284 3.84 -10.12 -33.48
N SER A 1285 5.13 -10.44 -33.58
CA SER A 1285 5.56 -11.80 -33.87
C SER A 1285 5.89 -12.62 -32.62
N LYS A 1286 6.69 -12.07 -31.72
CA LYS A 1286 6.98 -12.75 -30.45
C LYS A 1286 5.99 -12.45 -29.33
N ARG A 1287 5.73 -11.16 -29.02
CA ARG A 1287 5.12 -10.84 -27.75
C ARG A 1287 4.48 -9.46 -27.78
N ILE A 1288 3.56 -9.25 -26.81
CA ILE A 1288 2.84 -8.02 -26.61
C ILE A 1288 2.83 -7.72 -25.11
N LYS A 1289 3.24 -6.51 -24.74
CA LYS A 1289 3.16 -6.10 -23.35
C LYS A 1289 1.71 -5.79 -22.98
N TYR A 1290 1.26 -6.30 -21.84
CA TYR A 1290 -0.14 -6.23 -21.48
C TYR A 1290 -0.26 -6.21 -19.97
N LEU A 1291 -0.73 -5.08 -19.43
CA LEU A 1291 -1.18 -4.96 -18.05
C LEU A 1291 -0.07 -5.33 -17.06
N GLY A 1292 1.19 -5.09 -17.46
CA GLY A 1292 2.36 -5.31 -16.65
C GLY A 1292 3.18 -6.55 -17.00
N ILE A 1293 2.67 -7.46 -17.84
CA ILE A 1293 3.31 -8.73 -18.15
C ILE A 1293 3.51 -8.82 -19.66
N GLN A 1294 4.19 -9.88 -20.11
CA GLN A 1294 4.28 -10.17 -21.53
C GLN A 1294 3.38 -11.35 -21.88
N LEU A 1295 2.43 -11.12 -22.80
CA LEU A 1295 1.77 -12.20 -23.52
C LEU A 1295 2.64 -12.68 -24.67
N THR A 1296 2.67 -13.99 -24.89
CA THR A 1296 3.53 -14.61 -25.89
C THR A 1296 2.66 -15.29 -26.94
N ARG A 1297 3.17 -15.37 -28.16
CA ARG A 1297 2.35 -15.87 -29.27
C ARG A 1297 2.09 -17.38 -29.13
N ASP A 1298 3.10 -18.13 -28.68
CA ASP A 1298 2.91 -19.46 -28.10
C ASP A 1298 2.96 -19.36 -26.58
N VAL A 1299 2.13 -20.15 -25.91
CA VAL A 1299 2.14 -20.19 -24.44
C VAL A 1299 3.31 -20.96 -23.84
N LYS A 1300 4.08 -21.69 -24.66
CA LYS A 1300 5.25 -22.40 -24.15
C LYS A 1300 6.38 -21.46 -23.70
N ASP A 1301 6.40 -20.23 -24.21
CA ASP A 1301 7.41 -19.23 -23.93
C ASP A 1301 7.13 -18.33 -22.72
N LEU A 1302 6.09 -18.62 -21.93
CA LEU A 1302 5.76 -17.77 -20.78
C LEU A 1302 6.92 -17.64 -19.77
N PHE A 1303 7.60 -18.74 -19.44
CA PHE A 1303 8.71 -18.65 -18.50
C PHE A 1303 9.85 -17.78 -19.06
N LYS A 1304 10.20 -18.00 -20.33
CA LYS A 1304 11.32 -17.30 -20.94
C LYS A 1304 11.11 -15.78 -21.03
N GLU A 1305 9.88 -15.34 -21.35
CA GLU A 1305 9.63 -13.91 -21.50
C GLU A 1305 9.24 -13.20 -20.19
N ASN A 1306 8.66 -13.90 -19.22
CA ASN A 1306 8.26 -13.31 -17.95
C ASN A 1306 9.26 -13.49 -16.80
N TYR A 1307 9.80 -14.69 -16.55
CA TYR A 1307 10.50 -14.95 -15.30
C TYR A 1307 12.02 -14.89 -15.42
N LYS A 1308 12.59 -15.39 -16.52
CA LYS A 1308 14.00 -15.15 -16.78
C LYS A 1308 14.38 -13.67 -16.76
N PRO A 1309 13.66 -12.77 -17.47
CA PRO A 1309 13.88 -11.33 -17.29
C PRO A 1309 13.71 -10.78 -15.87
N LEU A 1310 12.74 -11.29 -15.10
CA LEU A 1310 12.56 -10.81 -13.74
C LEU A 1310 13.76 -11.13 -12.84
N LEU A 1311 14.45 -12.25 -13.06
CA LEU A 1311 15.67 -12.53 -12.32
C LEU A 1311 16.77 -11.54 -12.67
N LYS A 1312 17.00 -11.33 -13.97
CA LYS A 1312 18.03 -10.41 -14.44
C LYS A 1312 17.81 -8.99 -13.91
N GLU A 1313 16.56 -8.54 -13.85
CA GLU A 1313 16.24 -7.23 -13.30
C GLU A 1313 16.56 -7.12 -11.81
N ILE A 1314 16.29 -8.16 -11.02
CA ILE A 1314 16.59 -8.10 -9.59
C ILE A 1314 18.10 -8.16 -9.34
N LYS A 1315 18.84 -8.94 -10.12
CA LYS A 1315 20.28 -9.05 -9.95
C LYS A 1315 20.97 -7.69 -10.11
N GLU A 1316 20.65 -6.98 -11.19
CA GLU A 1316 21.24 -5.68 -11.47
C GLU A 1316 20.77 -4.59 -10.50
N GLU A 1317 19.53 -4.68 -10.02
CA GLU A 1317 19.02 -3.71 -9.05
C GLU A 1317 19.73 -3.81 -7.71
N THR A 1318 19.99 -5.02 -7.21
CA THR A 1318 20.74 -5.17 -5.96
C THR A 1318 22.23 -4.84 -6.15
N ASN A 1319 22.76 -5.10 -7.34
CA ASN A 1319 24.14 -4.71 -7.66
C ASN A 1319 24.35 -3.19 -7.66
N LYS A 1320 23.37 -2.38 -8.07
CA LYS A 1320 23.48 -0.94 -7.89
C LYS A 1320 23.57 -0.54 -6.41
N TRP A 1321 22.63 -1.04 -5.60
CA TRP A 1321 22.53 -0.68 -4.19
C TRP A 1321 23.71 -1.10 -3.30
N LYS A 1322 24.59 -1.99 -3.75
CA LYS A 1322 25.47 -2.72 -2.84
C LYS A 1322 26.23 -1.85 -1.82
N ASN A 1323 26.56 -0.60 -2.17
CA ASN A 1323 27.25 0.30 -1.24
C ASN A 1323 26.36 1.29 -0.48
N ILE A 1324 25.03 1.14 -0.50
CA ILE A 1324 24.20 2.03 0.29
C ILE A 1324 24.59 1.96 1.77
N PRO A 1325 24.54 3.08 2.53
CA PRO A 1325 24.92 3.14 3.94
C PRO A 1325 23.86 2.60 4.91
N CYS A 1326 23.68 1.29 4.89
CA CYS A 1326 22.54 0.65 5.52
C CYS A 1326 22.99 -0.64 6.18
N SER A 1327 22.49 -0.91 7.40
CA SER A 1327 22.78 -2.18 8.06
C SER A 1327 21.99 -3.32 7.43
N TRP A 1328 22.37 -4.56 7.79
CA TRP A 1328 21.64 -5.76 7.40
C TRP A 1328 20.15 -5.72 7.81
N VAL A 1329 19.82 -5.04 8.92
CA VAL A 1329 18.43 -4.83 9.27
C VAL A 1329 17.71 -3.99 8.22
N GLY A 1330 18.33 -2.88 7.83
CA GLY A 1330 17.74 -2.01 6.83
C GLY A 1330 17.66 -2.64 5.45
N ARG A 1331 18.66 -3.44 5.09
CA ARG A 1331 18.67 -4.12 3.81
C ARG A 1331 17.59 -5.22 3.69
N ILE A 1332 17.30 -5.92 4.79
CA ILE A 1332 16.14 -6.82 4.82
C ILE A 1332 14.84 -6.07 4.48
N ASN A 1333 14.60 -4.94 5.14
CA ASN A 1333 13.45 -4.11 4.83
C ASN A 1333 13.43 -3.55 3.40
N ILE A 1334 14.59 -3.32 2.78
CA ILE A 1334 14.60 -2.94 1.37
C ILE A 1334 14.07 -4.09 0.49
N VAL A 1335 14.47 -5.33 0.76
CA VAL A 1335 13.99 -6.44 -0.03
C VAL A 1335 12.47 -6.60 0.11
N LYS A 1336 11.95 -6.48 1.33
CA LYS A 1336 10.51 -6.55 1.54
C LYS A 1336 9.76 -5.41 0.86
N MET A 1337 10.31 -4.19 0.92
CA MET A 1337 9.65 -3.03 0.35
C MET A 1337 9.69 -3.03 -1.18
N ALA A 1338 10.88 -3.17 -1.76
CA ALA A 1338 11.04 -2.99 -3.21
C ALA A 1338 10.88 -4.27 -4.04
N ILE A 1339 11.50 -5.39 -3.64
CA ILE A 1339 11.48 -6.59 -4.47
C ILE A 1339 10.23 -7.44 -4.28
N LEU A 1340 9.75 -7.62 -3.04
CA LEU A 1340 8.66 -8.57 -2.80
C LEU A 1340 7.36 -8.24 -3.55
N PRO A 1341 6.88 -6.98 -3.62
CA PRO A 1341 5.65 -6.69 -4.36
C PRO A 1341 5.62 -7.08 -5.83
N LYS A 1342 6.68 -6.80 -6.59
CA LYS A 1342 6.74 -7.18 -7.98
C LYS A 1342 6.88 -8.69 -8.19
N VAL A 1343 7.52 -9.40 -7.26
CA VAL A 1343 7.56 -10.86 -7.33
C VAL A 1343 6.17 -11.47 -7.11
N ILE A 1344 5.46 -11.02 -6.09
CA ILE A 1344 4.11 -11.50 -5.83
C ILE A 1344 3.18 -11.23 -7.03
N TYR A 1345 3.24 -10.02 -7.58
CA TYR A 1345 2.41 -9.68 -8.72
C TYR A 1345 2.62 -10.64 -9.90
N ARG A 1346 3.86 -11.03 -10.15
CA ARG A 1346 4.15 -11.95 -11.25
C ARG A 1346 3.69 -13.37 -10.95
N PHE A 1347 3.80 -13.84 -9.69
CA PHE A 1347 3.23 -15.13 -9.33
C PHE A 1347 1.72 -15.15 -9.54
N ASN A 1348 1.05 -14.08 -9.15
CA ASN A 1348 -0.40 -14.02 -9.15
C ASN A 1348 -0.97 -13.95 -10.56
N ALA A 1349 -0.25 -13.28 -11.48
CA ALA A 1349 -0.65 -13.22 -12.88
C ALA A 1349 -0.42 -14.53 -13.64
N ILE A 1350 0.69 -15.23 -13.39
CA ILE A 1350 1.08 -16.37 -14.22
C ILE A 1350 1.57 -17.53 -13.35
N PRO A 1351 0.70 -18.19 -12.55
CA PRO A 1351 1.11 -19.27 -11.66
C PRO A 1351 1.38 -20.61 -12.35
N ILE A 1352 2.47 -20.67 -13.10
CA ILE A 1352 2.89 -21.86 -13.82
C ILE A 1352 3.92 -22.60 -12.96
N LYS A 1353 4.05 -23.90 -13.19
CA LYS A 1353 5.09 -24.68 -12.55
C LYS A 1353 6.48 -24.09 -12.85
N LEU A 1354 7.21 -23.69 -11.78
CA LEU A 1354 8.53 -23.08 -11.86
C LEU A 1354 9.64 -24.03 -11.41
N PRO A 1355 10.77 -24.09 -12.14
CA PRO A 1355 11.85 -24.97 -11.75
C PRO A 1355 12.56 -24.49 -10.49
N MET A 1356 13.13 -25.43 -9.74
CA MET A 1356 13.78 -25.14 -8.46
C MET A 1356 14.97 -24.18 -8.59
N THR A 1357 15.64 -24.17 -9.74
CA THR A 1357 16.74 -23.24 -9.99
C THR A 1357 16.32 -21.78 -9.91
N PHE A 1358 15.07 -21.45 -10.27
CA PHE A 1358 14.57 -20.09 -10.11
C PHE A 1358 14.68 -19.63 -8.65
N PHE A 1359 14.23 -20.47 -7.72
CA PHE A 1359 14.23 -20.09 -6.32
C PHE A 1359 15.65 -20.06 -5.72
N THR A 1360 16.54 -20.93 -6.21
CA THR A 1360 17.93 -20.92 -5.78
C THR A 1360 18.65 -19.63 -6.19
N GLU A 1361 18.52 -19.23 -7.45
CA GLU A 1361 19.11 -17.96 -7.89
C GLU A 1361 18.54 -16.76 -7.15
N LEU A 1362 17.21 -16.76 -6.90
CA LEU A 1362 16.59 -15.64 -6.24
C LEU A 1362 17.05 -15.48 -4.80
N GLU A 1363 17.19 -16.59 -4.07
CA GLU A 1363 17.61 -16.53 -2.68
C GLU A 1363 19.09 -16.19 -2.54
N LYS A 1364 19.95 -16.77 -3.37
CA LYS A 1364 21.37 -16.45 -3.39
C LYS A 1364 21.60 -14.95 -3.64
N THR A 1365 20.93 -14.38 -4.64
CA THR A 1365 21.02 -12.95 -4.92
C THR A 1365 20.59 -12.10 -3.73
N THR A 1366 19.45 -12.44 -3.13
CA THR A 1366 18.90 -11.66 -2.04
C THR A 1366 19.76 -11.71 -0.78
N LEU A 1367 20.34 -12.87 -0.45
CA LEU A 1367 21.20 -12.97 0.72
C LEU A 1367 22.54 -12.29 0.52
N LYS A 1368 23.14 -12.45 -0.66
CA LYS A 1368 24.40 -11.78 -0.97
C LYS A 1368 24.31 -10.26 -0.80
N PHE A 1369 23.16 -9.67 -1.11
CA PHE A 1369 22.93 -8.26 -0.85
C PHE A 1369 22.82 -7.95 0.65
N ILE A 1370 22.01 -8.72 1.38
CA ILE A 1370 21.80 -8.45 2.80
C ILE A 1370 23.09 -8.58 3.62
N TRP A 1371 23.91 -9.57 3.35
CA TRP A 1371 25.14 -9.75 4.12
C TRP A 1371 26.36 -9.10 3.47
N ASN A 1372 26.14 -8.15 2.55
CA ASN A 1372 27.17 -7.31 1.99
C ASN A 1372 28.35 -8.12 1.44
N GLN A 1373 28.03 -9.21 0.73
CA GLN A 1373 28.98 -10.10 0.08
C GLN A 1373 29.92 -10.85 1.04
N LYS A 1374 29.62 -10.86 2.34
CA LYS A 1374 30.38 -11.64 3.31
C LYS A 1374 29.44 -12.68 3.92
N ARG A 1375 29.98 -13.77 4.44
CA ARG A 1375 29.12 -14.84 4.93
C ARG A 1375 28.25 -14.34 6.08
N ALA A 1376 27.07 -14.96 6.21
CA ALA A 1376 26.07 -14.55 7.18
C ALA A 1376 26.62 -14.57 8.61
N ARG A 1377 26.22 -13.57 9.39
CA ARG A 1377 26.53 -13.53 10.82
C ARG A 1377 25.48 -14.27 11.65
N ILE A 1378 24.24 -14.34 11.13
CA ILE A 1378 23.13 -14.99 11.81
C ILE A 1378 22.46 -15.91 10.79
N ALA A 1379 22.11 -17.12 11.22
CA ALA A 1379 21.60 -18.14 10.30
C ALA A 1379 20.22 -17.78 9.77
N LYS A 1380 19.99 -18.05 8.49
CA LYS A 1380 18.69 -17.84 7.86
C LYS A 1380 17.57 -18.63 8.54
N SER A 1381 17.90 -19.75 9.19
CA SER A 1381 16.90 -20.53 9.91
C SER A 1381 16.38 -19.82 11.15
N ILE A 1382 17.25 -19.07 11.84
CA ILE A 1382 16.83 -18.27 12.99
C ILE A 1382 16.00 -17.06 12.52
N LEU A 1383 16.40 -16.45 11.40
CA LEU A 1383 15.64 -15.33 10.84
C LEU A 1383 14.30 -15.75 10.27
N SER A 1384 14.17 -17.01 9.84
CA SER A 1384 12.92 -17.58 9.33
C SER A 1384 11.69 -17.34 10.20
N GLN A 1385 11.84 -17.16 11.52
CA GLN A 1385 10.69 -17.23 12.43
C GLN A 1385 10.63 -16.00 13.33
N LYS A 1386 9.42 -15.44 13.44
CA LYS A 1386 9.19 -14.11 14.00
C LYS A 1386 9.37 -14.06 15.53
N ASN A 1387 9.34 -15.21 16.19
CA ASN A 1387 9.55 -15.27 17.63
C ASN A 1387 11.03 -15.00 17.98
N LYS A 1388 11.92 -15.35 17.06
CA LYS A 1388 13.36 -15.21 17.22
C LYS A 1388 13.83 -13.88 16.64
N ALA A 1389 15.06 -13.48 17.01
CA ALA A 1389 15.69 -12.27 16.49
C ALA A 1389 14.84 -11.02 16.65
N GLY A 1390 14.06 -10.95 17.73
CA GLY A 1390 13.39 -9.70 18.10
C GLY A 1390 12.37 -9.18 17.09
N GLY A 1391 11.85 -10.05 16.23
CA GLY A 1391 10.83 -9.67 15.27
C GLY A 1391 11.37 -9.26 13.90
N ILE A 1392 12.67 -9.38 13.67
CA ILE A 1392 13.24 -9.23 12.35
C ILE A 1392 13.12 -10.58 11.64
N THR A 1393 12.59 -10.58 10.43
CA THR A 1393 12.37 -11.84 9.71
C THR A 1393 12.66 -11.65 8.23
N LEU A 1394 13.04 -12.76 7.61
CA LEU A 1394 13.52 -12.83 6.24
C LEU A 1394 12.42 -13.43 5.35
N PRO A 1395 12.11 -12.84 4.18
CA PRO A 1395 11.02 -13.33 3.37
C PRO A 1395 11.29 -14.68 2.71
N ASP A 1396 10.30 -15.58 2.76
CA ASP A 1396 10.41 -16.91 2.14
C ASP A 1396 9.64 -16.95 0.82
N PHE A 1397 10.40 -16.90 -0.29
CA PHE A 1397 9.81 -16.81 -1.62
C PHE A 1397 9.13 -18.10 -2.08
N LYS A 1398 9.64 -19.27 -1.66
CA LYS A 1398 8.99 -20.54 -1.96
C LYS A 1398 7.61 -20.64 -1.32
N LEU A 1399 7.47 -20.23 -0.05
CA LEU A 1399 6.17 -20.24 0.59
C LEU A 1399 5.21 -19.18 0.07
N TYR A 1400 5.70 -18.01 -0.39
CA TYR A 1400 4.82 -17.08 -1.08
C TYR A 1400 4.34 -17.65 -2.42
N TYR A 1401 5.21 -18.33 -3.15
CA TYR A 1401 4.82 -19.00 -4.38
C TYR A 1401 3.75 -20.06 -4.15
N LYS A 1402 3.97 -20.95 -3.18
CA LYS A 1402 3.02 -21.99 -2.85
C LYS A 1402 1.68 -21.42 -2.38
N ALA A 1403 1.71 -20.35 -1.58
CA ALA A 1403 0.48 -19.69 -1.15
C ALA A 1403 -0.32 -19.11 -2.32
N THR A 1404 0.35 -18.61 -3.37
CA THR A 1404 -0.34 -18.04 -4.50
C THR A 1404 -0.97 -19.12 -5.38
N VAL A 1405 -0.26 -20.23 -5.61
CA VAL A 1405 -0.79 -21.34 -6.39
C VAL A 1405 -2.02 -21.97 -5.72
N THR A 1406 -1.96 -22.20 -4.41
CA THR A 1406 -3.06 -22.85 -3.70
C THR A 1406 -4.30 -21.96 -3.58
N LYS A 1407 -4.14 -20.64 -3.60
CA LYS A 1407 -5.26 -19.71 -3.44
C LYS A 1407 -6.41 -19.93 -4.44
N THR A 1408 -6.13 -20.40 -5.65
CA THR A 1408 -7.16 -20.65 -6.65
C THR A 1408 -8.30 -21.55 -6.16
N ALA A 1409 -8.01 -22.54 -5.30
CA ALA A 1409 -9.02 -23.41 -4.72
C ALA A 1409 -10.17 -22.66 -4.02
N TRP A 1410 -9.93 -21.47 -3.49
CA TRP A 1410 -11.01 -20.69 -2.89
C TRP A 1410 -12.07 -20.30 -3.93
N TYR A 1411 -11.65 -20.03 -5.16
CA TYR A 1411 -12.58 -19.68 -6.23
C TYR A 1411 -13.35 -20.91 -6.73
N TRP A 1412 -12.74 -22.09 -6.71
CA TRP A 1412 -13.43 -23.31 -7.10
C TRP A 1412 -14.58 -23.64 -6.14
N TYR A 1413 -14.34 -23.55 -4.84
CA TYR A 1413 -15.39 -23.80 -3.87
C TYR A 1413 -16.52 -22.76 -3.96
N GLN A 1414 -16.21 -21.51 -4.27
CA GLN A 1414 -17.24 -20.48 -4.33
C GLN A 1414 -18.16 -20.61 -5.56
N ASN A 1415 -17.64 -21.06 -6.70
CA ASN A 1415 -18.46 -21.36 -7.88
C ASN A 1415 -19.29 -20.14 -8.34
N ARG A 1416 -18.63 -19.00 -8.50
CA ARG A 1416 -19.29 -17.75 -8.85
C ARG A 1416 -19.44 -17.61 -10.37
N ASP A 1417 -20.56 -17.01 -10.81
CA ASP A 1417 -20.82 -16.77 -12.22
C ASP A 1417 -19.96 -15.65 -12.83
N ILE A 1418 -19.48 -14.71 -12.02
CA ILE A 1418 -18.56 -13.69 -12.53
C ILE A 1418 -17.20 -14.25 -12.94
N ASP A 1419 -16.86 -15.48 -12.54
CA ASP A 1419 -15.52 -16.00 -12.78
C ASP A 1419 -15.52 -16.83 -14.04
N GLN A 1420 -15.25 -16.18 -15.18
CA GLN A 1420 -15.21 -16.86 -16.46
C GLN A 1420 -13.79 -17.27 -16.84
N TRP A 1421 -12.79 -16.59 -16.26
CA TRP A 1421 -11.40 -16.98 -16.40
C TRP A 1421 -11.15 -18.42 -15.95
N ASN A 1422 -11.92 -18.89 -14.95
CA ASN A 1422 -11.78 -20.25 -14.44
C ASN A 1422 -12.33 -21.30 -15.41
N ARG A 1423 -13.42 -20.97 -16.10
CA ARG A 1423 -14.08 -21.85 -17.06
C ARG A 1423 -13.36 -22.00 -18.40
N THR A 1424 -12.36 -21.15 -18.68
CA THR A 1424 -11.79 -21.00 -20.01
C THR A 1424 -10.69 -22.02 -20.34
N GLU A 1425 -10.30 -22.89 -19.41
CA GLU A 1425 -9.30 -23.92 -19.70
C GLU A 1425 -9.86 -25.07 -20.56
N PRO A 1426 -9.01 -25.75 -21.37
CA PRO A 1426 -9.44 -26.89 -22.17
C PRO A 1426 -10.15 -28.00 -21.39
N SER A 1427 -11.40 -28.29 -21.79
CA SER A 1427 -12.28 -29.24 -21.12
C SER A 1427 -12.51 -30.47 -21.99
N GLU A 1428 -11.48 -30.86 -22.74
CA GLU A 1428 -11.59 -31.82 -23.84
C GLU A 1428 -12.17 -33.15 -23.39
N ILE A 1429 -11.60 -33.74 -22.33
CA ILE A 1429 -12.13 -34.99 -21.78
C ILE A 1429 -13.42 -34.76 -20.99
N MET A 1430 -13.41 -33.84 -20.00
CA MET A 1430 -14.63 -33.66 -19.23
C MET A 1430 -14.75 -32.28 -18.55
N PRO A 1431 -15.86 -31.56 -18.77
CA PRO A 1431 -16.04 -30.25 -18.16
C PRO A 1431 -16.50 -30.30 -16.71
N HIS A 1432 -16.52 -29.10 -16.09
CA HIS A 1432 -17.13 -28.81 -14.78
C HIS A 1432 -16.45 -29.48 -13.59
N ILE A 1433 -15.36 -30.21 -13.81
CA ILE A 1433 -14.72 -30.99 -12.75
C ILE A 1433 -14.27 -30.13 -11.57
N TYR A 1434 -13.76 -28.92 -11.85
CA TYR A 1434 -13.35 -27.98 -10.82
C TYR A 1434 -14.47 -27.58 -9.85
N ASN A 1435 -15.73 -27.59 -10.27
CA ASN A 1435 -16.81 -27.30 -9.32
C ASN A 1435 -16.96 -28.38 -8.24
N TYR A 1436 -16.66 -29.64 -8.61
CA TYR A 1436 -16.70 -30.80 -7.74
C TYR A 1436 -15.46 -31.08 -6.87
N LEU A 1437 -14.29 -30.49 -7.13
CA LEU A 1437 -13.07 -31.01 -6.51
C LEU A 1437 -12.96 -30.76 -5.01
N ILE A 1438 -13.24 -29.54 -4.53
CA ILE A 1438 -12.87 -29.17 -3.18
C ILE A 1438 -13.89 -29.69 -2.17
N PHE A 1439 -13.42 -30.47 -1.18
CA PHE A 1439 -14.24 -31.07 -0.13
C PHE A 1439 -15.33 -31.99 -0.70
N ASP A 1440 -14.95 -32.86 -1.63
CA ASP A 1440 -15.93 -33.72 -2.27
C ASP A 1440 -15.28 -35.03 -2.71
N LYS A 1441 -16.15 -36.02 -2.97
CA LYS A 1441 -15.78 -37.37 -3.34
C LYS A 1441 -14.68 -37.41 -4.40
N PRO A 1442 -13.65 -38.27 -4.24
CA PRO A 1442 -12.62 -38.39 -5.25
C PRO A 1442 -13.18 -38.98 -6.55
N GLU A 1443 -12.47 -38.75 -7.64
CA GLU A 1443 -12.94 -39.20 -8.95
C GLU A 1443 -12.06 -40.33 -9.51
N LYS A 1444 -12.73 -41.31 -10.12
CA LYS A 1444 -12.07 -42.52 -10.61
C LYS A 1444 -11.01 -42.19 -11.65
N ASN A 1445 -11.40 -41.43 -12.67
CA ASN A 1445 -10.57 -41.21 -13.85
C ASN A 1445 -9.56 -40.08 -13.59
N LYS A 1446 -8.29 -40.32 -13.94
CA LYS A 1446 -7.22 -39.33 -13.79
C LYS A 1446 -6.85 -38.64 -15.11
N GLN A 1447 -7.47 -38.99 -16.24
CA GLN A 1447 -7.13 -38.38 -17.53
C GLN A 1447 -7.60 -36.92 -17.68
N TRP A 1448 -8.35 -36.38 -16.70
CA TRP A 1448 -8.72 -34.98 -16.74
C TRP A 1448 -7.50 -34.05 -16.59
N GLY A 1449 -7.63 -32.83 -17.12
CA GLY A 1449 -6.64 -31.78 -16.91
C GLY A 1449 -5.29 -32.07 -17.56
N LYS A 1450 -5.29 -32.81 -18.68
CA LYS A 1450 -4.04 -33.26 -19.31
C LYS A 1450 -3.16 -32.09 -19.76
N ASP A 1451 -3.77 -31.01 -20.26
CA ASP A 1451 -3.04 -29.88 -20.82
C ASP A 1451 -3.10 -28.60 -19.99
N SER A 1452 -3.79 -28.64 -18.83
CA SER A 1452 -3.97 -27.48 -17.97
C SER A 1452 -2.65 -26.78 -17.66
N LEU A 1453 -2.61 -25.45 -17.88
CA LEU A 1453 -1.50 -24.63 -17.46
C LEU A 1453 -1.56 -24.33 -15.95
N PHE A 1454 -2.65 -23.71 -15.49
CA PHE A 1454 -2.82 -23.30 -14.10
C PHE A 1454 -3.46 -24.37 -13.21
N ASN A 1455 -4.60 -24.95 -13.59
CA ASN A 1455 -5.51 -25.56 -12.64
C ASN A 1455 -5.05 -26.93 -12.13
N LYS A 1456 -4.39 -27.74 -12.96
CA LYS A 1456 -3.94 -29.06 -12.54
C LYS A 1456 -2.80 -28.97 -11.53
N TRP A 1457 -1.89 -28.02 -11.73
CA TRP A 1457 -0.83 -27.72 -10.77
C TRP A 1457 -1.37 -27.19 -9.44
N CYS A 1458 -2.41 -26.36 -9.47
CA CYS A 1458 -3.09 -25.95 -8.24
C CYS A 1458 -3.63 -27.14 -7.43
N TRP A 1459 -4.23 -28.13 -8.10
CA TRP A 1459 -4.79 -29.29 -7.42
C TRP A 1459 -3.75 -30.17 -6.75
N GLU A 1460 -2.63 -30.44 -7.43
CA GLU A 1460 -1.53 -31.19 -6.85
C GLU A 1460 -0.95 -30.52 -5.60
N ASN A 1461 -0.78 -29.20 -5.62
CA ASN A 1461 -0.36 -28.49 -4.42
C ASN A 1461 -1.40 -28.54 -3.29
N TRP A 1462 -2.69 -28.45 -3.62
CA TRP A 1462 -3.72 -28.57 -2.60
C TRP A 1462 -3.70 -29.94 -1.88
N LEU A 1463 -3.54 -31.02 -2.64
CA LEU A 1463 -3.52 -32.36 -2.03
C LEU A 1463 -2.28 -32.58 -1.15
N ALA A 1464 -1.10 -32.20 -1.64
CA ALA A 1464 0.13 -32.31 -0.87
C ALA A 1464 0.04 -31.65 0.51
N ILE A 1465 -0.59 -30.49 0.60
CA ILE A 1465 -0.74 -29.83 1.89
C ILE A 1465 -1.75 -30.55 2.78
N CYS A 1466 -2.82 -31.11 2.21
CA CYS A 1466 -3.80 -31.82 3.02
C CYS A 1466 -3.22 -33.08 3.67
N ARG A 1467 -2.39 -33.83 2.93
CA ARG A 1467 -1.74 -35.00 3.49
C ARG A 1467 -0.59 -34.66 4.43
N LYS A 1468 0.12 -33.54 4.21
CA LYS A 1468 1.06 -33.05 5.21
C LYS A 1468 0.37 -32.74 6.54
N LEU A 1469 -0.88 -32.28 6.51
CA LEU A 1469 -1.68 -32.11 7.71
C LEU A 1469 -2.31 -33.41 8.19
N LYS A 1470 -2.22 -34.49 7.41
CA LYS A 1470 -2.93 -35.73 7.65
C LYS A 1470 -4.44 -35.49 7.80
N LEU A 1471 -4.98 -34.64 6.94
CA LEU A 1471 -6.42 -34.51 6.76
C LEU A 1471 -6.97 -35.61 5.86
N ASP A 1472 -8.27 -35.87 6.03
CA ASP A 1472 -9.08 -36.54 5.03
C ASP A 1472 -9.86 -35.47 4.27
N PRO A 1473 -9.43 -35.07 3.06
CA PRO A 1473 -10.05 -33.92 2.40
C PRO A 1473 -11.41 -34.19 1.75
N PHE A 1474 -11.82 -35.46 1.59
CA PHE A 1474 -12.85 -35.82 0.63
C PHE A 1474 -14.26 -35.92 1.21
N LEU A 1475 -14.44 -35.82 2.52
CA LEU A 1475 -15.78 -35.69 3.09
C LEU A 1475 -15.66 -35.05 4.46
N THR A 1476 -16.29 -33.90 4.64
CA THR A 1476 -15.83 -32.89 5.58
C THR A 1476 -17.06 -32.27 6.21
N PRO A 1477 -16.91 -31.56 7.37
CA PRO A 1477 -17.98 -30.71 7.86
C PRO A 1477 -18.40 -29.56 6.94
N TYR A 1478 -17.72 -29.40 5.80
CA TYR A 1478 -18.06 -28.35 4.84
C TYR A 1478 -18.48 -28.89 3.47
N THR A 1479 -18.66 -30.20 3.32
CA THR A 1479 -19.14 -30.74 2.05
C THR A 1479 -20.53 -30.18 1.74
N LYS A 1480 -20.72 -29.79 0.47
CA LYS A 1480 -21.99 -29.23 0.02
C LYS A 1480 -23.04 -30.33 -0.19
N ILE A 1481 -24.31 -29.94 -0.09
CA ILE A 1481 -25.42 -30.76 -0.57
C ILE A 1481 -25.36 -30.92 -2.09
N ASN A 1482 -24.90 -29.88 -2.80
CA ASN A 1482 -24.71 -29.91 -4.25
C ASN A 1482 -23.36 -30.56 -4.61
N SER A 1483 -23.24 -31.86 -4.33
CA SER A 1483 -21.98 -32.58 -4.42
C SER A 1483 -22.19 -33.94 -5.08
N ARG A 1484 -21.09 -34.58 -5.50
CA ARG A 1484 -21.16 -35.95 -6.01
C ARG A 1484 -21.68 -36.93 -4.96
N TRP A 1485 -21.39 -36.67 -3.67
CA TRP A 1485 -21.87 -37.55 -2.62
C TRP A 1485 -23.39 -37.72 -2.64
N ILE A 1486 -24.10 -36.60 -2.80
CA ILE A 1486 -25.56 -36.65 -2.92
C ILE A 1486 -25.99 -37.13 -4.30
N LYS A 1487 -25.29 -36.70 -5.35
CA LYS A 1487 -25.67 -37.05 -6.72
C LYS A 1487 -25.39 -38.50 -7.11
N ASP A 1488 -24.48 -39.21 -6.42
CA ASP A 1488 -24.34 -40.64 -6.64
C ASP A 1488 -25.51 -41.43 -6.07
N LEU A 1489 -26.11 -40.94 -4.99
CA LEU A 1489 -27.51 -41.28 -4.73
C LEU A 1489 -28.32 -40.70 -5.89
N ASN A 1490 -29.39 -41.36 -6.28
CA ASN A 1490 -30.20 -40.84 -7.38
C ASN A 1490 -31.37 -40.05 -6.82
N VAL A 1491 -31.14 -38.74 -6.66
CA VAL A 1491 -32.03 -37.80 -6.03
C VAL A 1491 -32.31 -36.69 -7.04
N LYS A 1492 -33.56 -36.25 -7.14
CA LYS A 1492 -33.92 -35.34 -8.22
C LYS A 1492 -33.37 -33.95 -7.91
N PRO A 1493 -32.90 -33.21 -8.93
CA PRO A 1493 -32.41 -31.85 -8.74
C PRO A 1493 -33.36 -30.90 -8.00
N LYS A 1494 -34.67 -31.12 -8.10
CA LYS A 1494 -35.64 -30.34 -7.34
C LYS A 1494 -35.55 -30.61 -5.85
N THR A 1495 -35.20 -31.84 -5.46
CA THR A 1495 -34.95 -32.16 -4.06
C THR A 1495 -33.72 -31.39 -3.54
N ILE A 1496 -32.65 -31.36 -4.34
CA ILE A 1496 -31.43 -30.67 -3.95
C ILE A 1496 -31.70 -29.18 -3.75
N LYS A 1497 -32.33 -28.54 -4.74
CA LYS A 1497 -32.61 -27.12 -4.65
C LYS A 1497 -33.61 -26.79 -3.54
N THR A 1498 -34.55 -27.69 -3.25
CA THR A 1498 -35.42 -27.52 -2.09
C THR A 1498 -34.60 -27.46 -0.79
N LEU A 1499 -33.66 -28.39 -0.63
CA LEU A 1499 -32.85 -28.45 0.59
C LEU A 1499 -31.98 -27.20 0.75
N GLU A 1500 -31.34 -26.74 -0.33
CA GLU A 1500 -30.55 -25.52 -0.26
C GLU A 1500 -31.42 -24.31 0.08
N GLU A 1501 -32.55 -24.16 -0.60
CA GLU A 1501 -33.39 -22.99 -0.40
C GLU A 1501 -33.97 -22.91 1.01
N ASN A 1502 -34.41 -24.06 1.56
CA ASN A 1502 -34.91 -24.11 2.92
C ASN A 1502 -33.80 -24.08 3.99
N LEU A 1503 -32.79 -24.98 3.88
CA LEU A 1503 -32.01 -25.38 5.05
C LEU A 1503 -30.53 -25.02 5.02
N GLY A 1504 -30.03 -24.36 3.97
CA GLY A 1504 -28.61 -24.07 3.89
C GLY A 1504 -27.85 -25.22 3.22
N ILE A 1505 -26.61 -24.93 2.84
CA ILE A 1505 -25.97 -25.63 1.73
C ILE A 1505 -25.03 -26.77 2.14
N THR A 1506 -24.64 -26.88 3.40
CA THR A 1506 -23.74 -27.98 3.78
C THR A 1506 -24.55 -29.19 4.22
N ILE A 1507 -23.97 -30.39 4.04
CA ILE A 1507 -24.57 -31.61 4.56
C ILE A 1507 -24.76 -31.52 6.08
N GLN A 1508 -23.84 -30.84 6.78
CA GLN A 1508 -24.00 -30.63 8.21
C GLN A 1508 -25.23 -29.78 8.55
N ASP A 1509 -25.63 -28.88 7.65
CA ASP A 1509 -26.88 -28.14 7.83
C ASP A 1509 -28.12 -29.05 7.76
N ILE A 1510 -28.07 -30.13 6.97
CA ILE A 1510 -29.08 -31.15 7.09
C ILE A 1510 -29.01 -31.80 8.47
N GLY A 1511 -27.81 -32.27 8.83
CA GLY A 1511 -27.59 -33.05 10.04
C GLY A 1511 -27.33 -34.51 9.68
N VAL A 1512 -26.44 -35.14 10.43
CA VAL A 1512 -26.09 -36.54 10.24
C VAL A 1512 -26.35 -37.31 11.53
N GLY A 1513 -26.68 -38.59 11.37
CA GLY A 1513 -27.11 -39.41 12.49
C GLY A 1513 -28.43 -38.95 13.09
N LYS A 1514 -28.50 -38.95 14.42
CA LYS A 1514 -29.73 -38.68 15.15
C LYS A 1514 -30.28 -37.28 14.86
N ASP A 1515 -29.39 -36.35 14.49
CA ASP A 1515 -29.69 -35.00 14.06
C ASP A 1515 -30.47 -34.91 12.74
N PHE A 1516 -30.60 -36.01 11.99
CA PHE A 1516 -30.73 -35.99 10.54
C PHE A 1516 -31.65 -34.89 9.98
N MET A 1517 -32.91 -34.78 10.41
CA MET A 1517 -33.57 -33.47 10.34
C MET A 1517 -33.88 -32.81 11.69
N SER A 1518 -33.96 -33.57 12.78
CA SER A 1518 -34.65 -33.14 14.00
C SER A 1518 -34.20 -31.78 14.56
N LYS A 1519 -32.94 -31.41 14.34
CA LYS A 1519 -32.34 -30.28 15.06
C LYS A 1519 -33.12 -28.96 14.95
N THR A 1520 -33.87 -28.73 13.86
CA THR A 1520 -34.74 -27.56 13.86
C THR A 1520 -36.14 -27.90 13.36
N PRO A 1521 -37.17 -27.16 13.86
CA PRO A 1521 -38.50 -27.20 13.26
C PRO A 1521 -38.57 -26.84 11.78
N LYS A 1522 -37.68 -25.95 11.30
CA LYS A 1522 -37.66 -25.61 9.89
C LYS A 1522 -37.25 -26.80 9.02
N ALA A 1523 -36.38 -27.67 9.53
CA ALA A 1523 -36.03 -28.90 8.81
C ALA A 1523 -37.21 -29.86 8.72
N MET A 1524 -37.86 -30.17 9.85
CA MET A 1524 -39.05 -31.02 9.78
C MET A 1524 -40.22 -30.38 9.05
N ALA A 1525 -40.36 -29.05 9.10
CA ALA A 1525 -41.31 -28.38 8.21
C ALA A 1525 -40.96 -28.65 6.74
N THR A 1526 -39.65 -28.69 6.44
CA THR A 1526 -39.17 -29.00 5.10
C THR A 1526 -39.31 -30.49 4.78
N LYS A 1527 -39.20 -31.35 5.80
CA LYS A 1527 -39.11 -32.80 5.59
C LYS A 1527 -40.31 -33.36 4.82
N ASP A 1528 -41.53 -32.93 5.17
CA ASP A 1528 -42.71 -33.37 4.44
C ASP A 1528 -42.68 -33.00 2.95
N LYS A 1529 -42.01 -31.90 2.61
CA LYS A 1529 -42.04 -31.37 1.25
C LYS A 1529 -41.33 -32.27 0.23
N ILE A 1530 -40.40 -33.11 0.69
CA ILE A 1530 -39.49 -33.84 -0.18
C ILE A 1530 -40.12 -35.13 -0.70
N ASP A 1531 -39.74 -35.50 -1.93
CA ASP A 1531 -40.12 -36.74 -2.59
C ASP A 1531 -39.99 -37.95 -1.66
N LYS A 1532 -41.04 -38.80 -1.65
CA LYS A 1532 -41.14 -39.94 -0.76
C LYS A 1532 -39.91 -40.86 -0.81
N TRP A 1533 -39.47 -41.22 -2.01
CA TRP A 1533 -38.36 -42.16 -2.15
C TRP A 1533 -36.99 -41.51 -1.95
N ASP A 1534 -36.83 -40.25 -2.34
CA ASP A 1534 -35.57 -39.54 -2.12
C ASP A 1534 -35.19 -39.46 -0.64
N LEU A 1535 -36.17 -39.22 0.23
CA LEU A 1535 -35.90 -39.18 1.66
C LEU A 1535 -35.33 -40.48 2.20
N ILE A 1536 -35.74 -41.62 1.66
CA ILE A 1536 -35.16 -42.89 2.10
C ILE A 1536 -33.70 -43.00 1.67
N LYS A 1537 -33.39 -42.59 0.44
CA LYS A 1537 -32.01 -42.60 -0.02
C LYS A 1537 -31.12 -41.69 0.84
N LEU A 1538 -31.60 -40.48 1.10
CA LEU A 1538 -30.87 -39.54 1.96
C LEU A 1538 -30.80 -40.02 3.41
N LYS A 1539 -31.86 -40.64 3.90
CA LYS A 1539 -31.87 -41.21 5.25
C LYS A 1539 -30.80 -42.29 5.41
N SER A 1540 -30.61 -43.11 4.38
CA SER A 1540 -29.59 -44.16 4.44
C SER A 1540 -28.18 -43.58 4.52
N PHE A 1541 -27.84 -42.65 3.63
CA PHE A 1541 -26.50 -42.08 3.59
C PHE A 1541 -26.19 -41.28 4.86
N CYS A 1542 -27.06 -40.35 5.23
CA CYS A 1542 -26.79 -39.43 6.34
C CYS A 1542 -26.70 -40.11 7.70
N THR A 1543 -27.39 -41.23 7.91
CA THR A 1543 -27.35 -41.95 9.18
C THR A 1543 -26.32 -43.08 9.22
N ALA A 1544 -25.55 -43.30 8.14
CA ALA A 1544 -24.50 -44.31 8.18
C ALA A 1544 -23.40 -43.95 9.19
N LYS A 1545 -22.62 -44.96 9.55
CA LYS A 1545 -21.59 -44.85 10.58
C LYS A 1545 -20.42 -43.98 10.12
N GLU A 1546 -19.92 -44.23 8.90
CA GLU A 1546 -18.78 -43.50 8.39
C GLU A 1546 -19.13 -42.04 8.09
N THR A 1547 -20.33 -41.81 7.55
CA THR A 1547 -20.77 -40.46 7.24
C THR A 1547 -20.88 -39.61 8.50
N THR A 1548 -21.40 -40.20 9.59
CA THR A 1548 -21.44 -39.51 10.87
C THR A 1548 -20.03 -39.15 11.37
N ILE A 1549 -19.11 -40.11 11.30
CA ILE A 1549 -17.78 -39.92 11.86
C ILE A 1549 -17.03 -38.81 11.12
N ARG A 1550 -17.02 -38.88 9.80
CA ARG A 1550 -16.27 -37.94 8.98
C ARG A 1550 -16.84 -36.52 9.04
N VAL A 1551 -18.16 -36.36 8.95
CA VAL A 1551 -18.79 -35.04 8.91
C VAL A 1551 -18.81 -34.33 10.27
N ASN A 1552 -18.85 -35.05 11.39
CA ASN A 1552 -19.01 -34.37 12.67
C ASN A 1552 -17.73 -33.78 13.27
N ARG A 1553 -16.54 -34.16 12.76
CA ARG A 1553 -15.29 -33.73 13.37
C ARG A 1553 -15.15 -32.20 13.35
N GLN A 1554 -14.36 -31.67 14.28
CA GLN A 1554 -14.03 -30.26 14.29
C GLN A 1554 -13.14 -29.89 13.09
N PRO A 1555 -13.41 -28.74 12.43
CA PRO A 1555 -12.58 -28.28 11.33
C PRO A 1555 -11.29 -27.61 11.79
N THR A 1556 -10.22 -27.81 11.01
CA THR A 1556 -8.96 -27.12 11.23
C THR A 1556 -9.00 -25.70 10.68
N THR A 1557 -8.02 -24.89 11.09
CA THR A 1557 -7.83 -23.54 10.54
C THR A 1557 -7.56 -23.54 9.04
N TRP A 1558 -6.91 -24.58 8.51
CA TRP A 1558 -6.69 -24.66 7.07
C TRP A 1558 -8.03 -24.81 6.33
N GLU A 1559 -8.89 -25.69 6.82
CA GLU A 1559 -10.21 -25.87 6.24
C GLU A 1559 -11.06 -24.62 6.36
N LYS A 1560 -10.96 -23.91 7.49
CA LYS A 1560 -11.69 -22.67 7.69
C LYS A 1560 -11.36 -21.58 6.66
N ILE A 1561 -10.10 -21.51 6.20
CA ILE A 1561 -9.74 -20.50 5.21
C ILE A 1561 -10.59 -20.65 3.94
N PHE A 1562 -10.64 -21.84 3.36
CA PHE A 1562 -11.33 -22.04 2.09
C PHE A 1562 -12.87 -22.10 2.22
N ALA A 1563 -13.41 -22.65 3.30
CA ALA A 1563 -14.85 -22.77 3.47
C ALA A 1563 -15.51 -21.50 4.02
N THR A 1564 -14.96 -20.92 5.10
CA THR A 1564 -15.69 -19.94 5.89
C THR A 1564 -15.74 -18.54 5.27
N TYR A 1565 -14.67 -18.06 4.62
CA TYR A 1565 -14.59 -16.63 4.31
C TYR A 1565 -15.36 -16.25 3.06
N SER A 1566 -16.16 -15.18 3.17
CA SER A 1566 -16.94 -14.63 2.07
C SER A 1566 -16.13 -13.67 1.18
N SER A 1567 -15.01 -13.15 1.70
CA SER A 1567 -14.15 -12.24 0.93
C SER A 1567 -12.86 -12.96 0.56
N ASP A 1568 -12.44 -12.81 -0.70
CA ASP A 1568 -11.09 -13.14 -1.14
C ASP A 1568 -10.00 -12.20 -0.57
N LYS A 1569 -10.35 -11.04 -0.02
CA LYS A 1569 -9.34 -10.13 0.51
C LYS A 1569 -8.42 -10.81 1.53
N GLY A 1570 -7.10 -10.55 1.40
CA GLY A 1570 -6.14 -10.92 2.41
C GLY A 1570 -5.71 -12.37 2.36
N LEU A 1571 -6.01 -13.05 1.24
CA LEU A 1571 -5.95 -14.50 1.18
C LEU A 1571 -4.52 -15.05 1.07
N ILE A 1572 -3.62 -14.37 0.36
CA ILE A 1572 -2.22 -14.78 0.30
C ILE A 1572 -1.58 -14.67 1.69
N SER A 1573 -1.79 -13.55 2.37
CA SER A 1573 -1.16 -13.36 3.67
C SER A 1573 -1.69 -14.35 4.72
N ARG A 1574 -2.97 -14.72 4.60
CA ARG A 1574 -3.57 -15.70 5.50
C ARG A 1574 -3.01 -17.11 5.26
N ILE A 1575 -2.92 -17.54 4.01
CA ILE A 1575 -2.36 -18.84 3.67
C ILE A 1575 -0.87 -18.90 4.04
N TYR A 1576 -0.11 -17.86 3.75
CA TYR A 1576 1.31 -17.82 4.05
C TYR A 1576 1.60 -17.98 5.55
N ASN A 1577 0.77 -17.42 6.42
CA ASN A 1577 0.92 -17.63 7.85
C ASN A 1577 0.64 -19.07 8.29
N GLU A 1578 -0.28 -19.77 7.64
CA GLU A 1578 -0.44 -21.21 7.88
C GLU A 1578 0.77 -22.01 7.41
N LEU A 1579 1.25 -21.75 6.19
CA LEU A 1579 2.36 -22.51 5.67
C LEU A 1579 3.63 -22.36 6.52
N LYS A 1580 3.82 -21.21 7.15
CA LYS A 1580 4.92 -21.02 8.09
C LYS A 1580 4.86 -21.98 9.28
N GLN A 1581 3.66 -22.19 9.83
CA GLN A 1581 3.50 -23.13 10.94
C GLN A 1581 3.66 -24.59 10.49
N ILE A 1582 3.21 -24.92 9.29
CA ILE A 1582 3.26 -26.30 8.83
C ILE A 1582 4.69 -26.71 8.50
N TYR A 1583 5.41 -25.90 7.72
CA TYR A 1583 6.73 -26.25 7.23
C TYR A 1583 7.87 -25.82 8.17
N LYS A 1584 7.53 -25.48 9.43
CA LYS A 1584 8.50 -25.06 10.44
C LYS A 1584 9.63 -26.08 10.59
N LYS A 1585 10.83 -25.58 10.88
CA LYS A 1585 12.02 -26.42 11.00
C LYS A 1585 12.83 -26.08 12.26
N LYS A 1586 13.63 -27.05 12.69
CA LYS A 1586 14.44 -26.98 13.90
C LYS A 1586 15.69 -26.11 13.70
N THR A 1587 16.12 -25.44 14.78
CA THR A 1587 17.32 -24.60 14.76
C THR A 1587 18.09 -24.72 16.08
N ASN A 1588 19.39 -24.43 16.00
CA ASN A 1588 20.18 -24.09 17.18
C ASN A 1588 19.67 -22.79 17.81
N ASN A 1589 19.87 -22.66 19.13
CA ASN A 1589 19.54 -21.45 19.86
C ASN A 1589 20.80 -20.81 20.43
N PRO A 1590 21.14 -19.55 20.05
CA PRO A 1590 22.25 -18.84 20.68
C PRO A 1590 22.12 -18.63 22.19
N ILE A 1591 20.88 -18.48 22.69
CA ILE A 1591 20.66 -18.31 24.12
C ILE A 1591 21.12 -19.53 24.91
N LYS A 1592 20.99 -20.72 24.32
CA LYS A 1592 21.55 -21.93 24.93
C LYS A 1592 23.08 -21.85 25.01
N LYS A 1593 23.73 -21.51 23.90
CA LYS A 1593 25.19 -21.40 23.90
C LYS A 1593 25.70 -20.39 24.95
N TRP A 1594 24.98 -19.29 25.15
CA TRP A 1594 25.32 -18.38 26.24
C TRP A 1594 25.25 -19.08 27.59
N ALA A 1595 24.23 -19.91 27.79
CA ALA A 1595 24.07 -20.66 29.04
C ALA A 1595 25.19 -21.66 29.27
N LYS A 1596 25.77 -22.21 28.20
CA LYS A 1596 26.98 -23.02 28.32
C LYS A 1596 28.22 -22.18 28.60
N ASP A 1597 28.25 -20.95 28.06
CA ASP A 1597 29.44 -20.09 28.12
C ASP A 1597 29.67 -19.61 29.55
N MET A 1598 28.57 -19.38 30.27
CA MET A 1598 28.47 -19.27 31.71
C MET A 1598 28.10 -20.65 32.24
N ASN A 1599 28.37 -20.94 33.50
CA ASN A 1599 27.92 -22.23 34.02
C ASN A 1599 26.60 -22.05 34.76
N ARG A 1600 25.50 -22.17 34.01
CA ARG A 1600 24.16 -21.89 34.50
C ARG A 1600 23.15 -22.57 33.57
N HIS A 1601 21.95 -22.82 34.12
CA HIS A 1601 20.80 -23.28 33.34
C HIS A 1601 19.76 -22.17 33.28
N PHE A 1602 19.25 -21.88 32.08
CA PHE A 1602 18.12 -20.97 31.91
C PHE A 1602 16.83 -21.77 31.75
N SER A 1603 15.86 -21.50 32.63
CA SER A 1603 14.51 -22.03 32.48
C SER A 1603 13.85 -21.51 31.20
N LYS A 1604 12.79 -22.21 30.79
CA LYS A 1604 11.98 -21.78 29.66
C LYS A 1604 11.37 -20.39 29.88
N GLU A 1605 11.16 -20.01 31.15
CA GLU A 1605 10.70 -18.68 31.51
C GLU A 1605 11.78 -17.62 31.31
N ASP A 1606 13.04 -17.96 31.59
CA ASP A 1606 14.14 -17.05 31.32
C ASP A 1606 14.40 -16.87 29.82
N ILE A 1607 14.37 -17.97 29.06
CA ILE A 1607 14.55 -17.91 27.61
C ILE A 1607 13.44 -17.08 26.96
N TYR A 1608 12.24 -17.11 27.54
CA TYR A 1608 11.15 -16.26 27.08
C TYR A 1608 11.41 -14.77 27.37
N ALA A 1609 11.94 -14.46 28.56
CA ALA A 1609 12.30 -13.09 28.89
C ALA A 1609 13.39 -12.52 27.96
N ALA A 1610 14.38 -13.32 27.61
CA ALA A 1610 15.39 -12.90 26.65
C ALA A 1610 14.78 -12.50 25.30
N LYS A 1611 13.82 -13.28 24.80
CA LYS A 1611 13.19 -12.96 23.52
C LYS A 1611 12.30 -11.73 23.60
N LYS A 1612 11.57 -11.58 24.71
CA LYS A 1612 10.65 -10.46 24.88
C LYS A 1612 11.39 -9.13 25.03
N HIS A 1613 12.47 -9.12 25.81
CA HIS A 1613 13.35 -7.97 25.92
C HIS A 1613 13.90 -7.52 24.55
N MET A 1614 14.39 -8.47 23.77
CA MET A 1614 14.87 -8.23 22.42
C MET A 1614 13.80 -7.61 21.49
N LYS A 1615 12.50 -7.88 21.71
CA LYS A 1615 11.44 -7.15 21.04
C LYS A 1615 11.14 -5.76 21.63
N LYS A 1616 11.27 -5.56 22.94
CA LYS A 1616 10.63 -4.42 23.61
C LYS A 1616 11.61 -3.44 24.26
N CYS A 1617 12.93 -3.58 24.01
CA CYS A 1617 13.91 -2.68 24.60
C CYS A 1617 13.84 -1.24 24.05
N SER A 1618 13.26 -1.04 22.85
CA SER A 1618 13.18 0.30 22.29
C SER A 1618 12.11 0.36 21.21
N SER A 1619 11.71 1.58 20.86
CA SER A 1619 11.01 1.84 19.61
C SER A 1619 11.98 1.98 18.42
N SER A 1620 13.22 2.41 18.66
CA SER A 1620 14.15 2.65 17.57
C SER A 1620 14.84 1.33 17.17
N LEU A 1621 14.82 1.02 15.87
CA LEU A 1621 15.62 -0.09 15.36
C LEU A 1621 17.12 0.06 15.59
N ALA A 1622 17.61 1.30 15.72
CA ALA A 1622 19.03 1.50 16.03
C ALA A 1622 19.40 0.91 17.40
N ILE A 1623 18.57 1.17 18.41
CA ILE A 1623 18.81 0.63 19.74
C ILE A 1623 18.49 -0.86 19.80
N ARG A 1624 17.40 -1.28 19.16
CA ARG A 1624 17.03 -2.69 19.11
C ARG A 1624 18.09 -3.55 18.42
N GLU A 1625 18.65 -3.07 17.31
CA GLU A 1625 19.69 -3.81 16.61
C GLU A 1625 20.90 -4.12 17.49
N MET A 1626 21.36 -3.17 18.29
CA MET A 1626 22.51 -3.40 19.17
C MET A 1626 22.25 -4.55 20.15
N GLN A 1627 21.06 -4.58 20.77
CA GLN A 1627 20.69 -5.68 21.63
C GLN A 1627 20.60 -7.02 20.88
N ILE A 1628 19.94 -7.04 19.72
CA ILE A 1628 19.83 -8.25 18.93
C ILE A 1628 21.20 -8.82 18.58
N LYS A 1629 22.16 -7.97 18.19
CA LYS A 1629 23.51 -8.46 17.90
C LYS A 1629 24.18 -9.06 19.13
N THR A 1630 23.90 -8.53 20.32
CA THR A 1630 24.55 -9.00 21.53
C THR A 1630 24.03 -10.39 21.92
N THR A 1631 22.71 -10.54 22.01
CA THR A 1631 22.10 -11.83 22.31
C THR A 1631 22.44 -12.91 21.27
N MET A 1632 22.30 -12.60 19.99
CA MET A 1632 22.49 -13.59 18.94
C MET A 1632 23.96 -13.88 18.62
N ARG A 1633 24.93 -13.41 19.43
CA ARG A 1633 26.35 -13.73 19.29
C ARG A 1633 26.90 -13.35 17.91
N TYR A 1634 26.64 -12.09 17.53
CA TYR A 1634 27.08 -11.53 16.25
C TYR A 1634 28.60 -11.38 16.14
N HIS A 1635 29.25 -10.91 17.21
CA HIS A 1635 30.62 -10.38 17.13
C HIS A 1635 31.70 -11.45 17.01
N LEU A 1636 32.69 -11.19 16.15
CA LEU A 1636 33.90 -12.01 16.04
C LEU A 1636 34.75 -11.95 17.30
N THR A 1637 35.45 -13.06 17.58
CA THR A 1637 36.31 -13.20 18.74
C THR A 1637 37.64 -13.83 18.33
N PRO A 1638 38.72 -13.64 19.12
CA PRO A 1638 39.98 -14.29 18.83
C PRO A 1638 39.94 -15.82 18.87
N VAL A 1639 39.11 -16.41 19.74
CA VAL A 1639 38.88 -17.84 19.73
C VAL A 1639 38.35 -18.31 18.38
N ARG A 1640 37.30 -17.66 17.87
CA ARG A 1640 36.78 -18.00 16.56
C ARG A 1640 37.79 -17.73 15.45
N MET A 1641 38.49 -16.59 15.53
CA MET A 1641 39.42 -16.21 14.49
C MET A 1641 40.61 -17.17 14.39
N ALA A 1642 41.07 -17.70 15.52
CA ALA A 1642 42.19 -18.66 15.51
C ALA A 1642 41.80 -19.98 14.86
N ILE A 1643 40.55 -20.42 15.03
CA ILE A 1643 40.07 -21.60 14.31
C ILE A 1643 40.02 -21.32 12.80
N ILE A 1644 39.46 -20.17 12.41
CA ILE A 1644 39.32 -19.84 11.00
C ILE A 1644 40.68 -19.80 10.30
N LYS A 1645 41.63 -19.05 10.85
CA LYS A 1645 42.97 -19.01 10.28
C LYS A 1645 43.73 -20.32 10.54
N LYS A 1646 43.20 -21.17 11.42
CA LYS A 1646 43.85 -22.39 11.88
C LYS A 1646 45.28 -22.11 12.36
N SER A 1647 45.47 -20.93 12.96
CA SER A 1647 46.70 -20.51 13.60
C SER A 1647 46.40 -20.30 15.07
N GLY A 1648 47.16 -20.98 15.94
CA GLY A 1648 46.73 -21.22 17.32
C GLY A 1648 46.74 -20.01 18.27
N ASN A 1649 46.88 -18.78 17.76
CA ASN A 1649 46.87 -17.60 18.61
C ASN A 1649 45.45 -17.17 18.95
N ASN A 1650 44.90 -17.73 20.04
CA ASN A 1650 43.51 -17.49 20.44
C ASN A 1650 43.36 -16.38 21.47
N ARG A 1651 44.35 -15.47 21.56
CA ARG A 1651 44.51 -14.53 22.67
C ARG A 1651 44.00 -13.13 22.33
N CYS A 1652 43.78 -12.34 23.39
CA CYS A 1652 42.82 -11.24 23.42
C CYS A 1652 43.42 -9.99 22.81
N TRP A 1653 42.77 -9.47 21.76
CA TRP A 1653 43.32 -8.39 20.95
C TRP A 1653 43.71 -7.16 21.78
N ARG A 1654 42.95 -6.87 22.83
CA ARG A 1654 43.28 -5.80 23.76
C ARG A 1654 44.63 -6.00 24.45
N GLY A 1655 45.08 -7.24 24.57
CA GLY A 1655 46.46 -7.50 25.00
C GLY A 1655 46.63 -7.69 26.51
N CYS A 1656 45.62 -8.24 27.19
CA CYS A 1656 45.76 -8.64 28.59
C CYS A 1656 46.35 -10.04 28.75
N GLY A 1657 46.66 -10.72 27.63
CA GLY A 1657 47.35 -12.00 27.66
C GLY A 1657 46.45 -13.19 28.01
N GLU A 1658 45.24 -13.23 27.44
CA GLU A 1658 44.25 -14.23 27.83
C GLU A 1658 43.45 -14.71 26.62
N ILE A 1659 42.92 -15.92 26.74
CA ILE A 1659 42.06 -16.51 25.73
C ILE A 1659 40.81 -15.66 25.54
N GLY A 1660 40.58 -15.21 24.31
CA GLY A 1660 39.46 -14.31 24.03
C GLY A 1660 38.15 -15.02 23.74
N THR A 1661 37.50 -15.57 24.77
CA THR A 1661 36.12 -16.01 24.65
C THR A 1661 35.19 -14.81 24.54
N LEU A 1662 33.96 -15.05 24.09
CA LEU A 1662 32.98 -13.98 23.97
C LEU A 1662 32.60 -13.39 25.32
N LEU A 1663 32.59 -14.20 26.38
CA LEU A 1663 32.35 -13.67 27.72
C LEU A 1663 33.54 -12.86 28.25
N HIS A 1664 34.76 -13.20 27.83
CA HIS A 1664 35.92 -12.35 28.11
C HIS A 1664 35.80 -10.97 27.45
N CYS A 1665 35.40 -10.96 26.18
CA CYS A 1665 35.30 -9.71 25.43
C CYS A 1665 34.25 -8.77 26.02
N TRP A 1666 33.06 -9.28 26.32
CA TRP A 1666 32.02 -8.45 26.93
C TRP A 1666 32.20 -8.17 28.42
N TRP A 1667 32.39 -9.21 29.25
CA TRP A 1667 32.40 -9.05 30.70
C TRP A 1667 33.78 -9.02 31.35
N ASP A 1668 34.64 -10.01 31.09
CA ASP A 1668 35.66 -10.38 32.07
C ASP A 1668 37.00 -9.69 31.88
N CYS A 1669 37.31 -9.23 30.66
CA CYS A 1669 38.58 -8.55 30.41
C CYS A 1669 38.78 -7.40 31.40
N LYS A 1670 39.98 -7.31 31.97
CA LYS A 1670 40.28 -6.30 32.98
C LYS A 1670 40.22 -4.87 32.44
N LEU A 1671 40.35 -4.67 31.12
CA LEU A 1671 40.15 -3.35 30.54
C LEU A 1671 38.69 -2.92 30.48
N VAL A 1672 37.76 -3.88 30.31
CA VAL A 1672 36.33 -3.59 30.35
C VAL A 1672 35.78 -3.47 31.78
N GLN A 1673 36.34 -4.23 32.73
CA GLN A 1673 35.80 -4.26 34.09
C GLN A 1673 35.62 -2.92 34.79
N PRO A 1674 36.51 -1.91 34.65
CA PRO A 1674 36.26 -0.62 35.29
C PRO A 1674 35.03 0.13 34.78
N LEU A 1675 34.65 -0.02 33.50
CA LEU A 1675 33.41 0.56 33.03
C LEU A 1675 32.19 -0.05 33.72
N TRP A 1676 32.09 -1.39 33.75
CA TRP A 1676 30.94 -2.04 34.37
C TRP A 1676 30.81 -1.72 35.85
N LYS A 1677 31.93 -1.59 36.57
CA LYS A 1677 31.91 -1.10 37.94
C LYS A 1677 31.39 0.34 38.05
N SER A 1678 31.75 1.23 37.12
CA SER A 1678 31.16 2.56 37.06
C SER A 1678 29.64 2.51 36.94
N VAL A 1679 29.11 1.69 36.03
CA VAL A 1679 27.67 1.56 35.86
C VAL A 1679 26.98 1.09 37.15
N TRP A 1680 27.51 0.05 37.79
CA TRP A 1680 27.08 -0.32 39.14
C TRP A 1680 27.18 0.77 40.22
N ARG A 1681 28.13 1.70 40.15
CA ARG A 1681 28.06 2.82 41.07
C ARG A 1681 26.82 3.70 40.83
N PHE A 1682 26.45 3.94 39.56
CA PHE A 1682 25.24 4.71 39.31
C PHE A 1682 23.98 3.99 39.81
N LEU A 1683 23.90 2.67 39.60
CA LEU A 1683 22.77 1.91 40.11
C LEU A 1683 22.64 1.98 41.63
N ARG A 1684 23.76 2.04 42.35
CA ARG A 1684 23.69 2.30 43.79
C ARG A 1684 23.27 3.73 44.13
N ASP A 1685 23.60 4.72 43.30
CA ASP A 1685 23.07 6.07 43.51
C ASP A 1685 21.60 6.22 43.17
N LEU A 1686 21.11 5.48 42.17
CA LEU A 1686 19.68 5.19 42.05
C LEU A 1686 19.12 4.46 43.27
N GLU A 1687 20.00 3.84 44.07
CA GLU A 1687 19.69 2.98 45.21
C GLU A 1687 18.78 1.82 44.80
N LEU A 1688 19.22 1.11 43.77
CA LEU A 1688 18.74 -0.22 43.40
C LEU A 1688 19.80 -1.21 43.87
N GLU A 1689 19.37 -2.32 44.49
CA GLU A 1689 20.29 -3.39 44.81
C GLU A 1689 20.12 -4.48 43.75
N ILE A 1690 21.13 -4.62 42.89
CA ILE A 1690 21.09 -5.56 41.78
C ILE A 1690 22.39 -6.36 41.82
N PRO A 1691 22.34 -7.70 41.68
CA PRO A 1691 23.58 -8.49 41.71
C PRO A 1691 24.44 -8.21 40.50
N PHE A 1692 25.73 -8.51 40.62
CA PHE A 1692 26.69 -8.20 39.57
C PHE A 1692 26.81 -9.48 38.75
N ASP A 1693 25.90 -9.61 37.78
CA ASP A 1693 25.65 -10.83 37.03
C ASP A 1693 25.68 -10.47 35.55
N PRO A 1694 26.55 -11.09 34.72
CA PRO A 1694 26.62 -10.73 33.31
C PRO A 1694 25.31 -10.90 32.54
N ALA A 1695 24.39 -11.75 33.01
CA ALA A 1695 23.17 -12.04 32.26
C ALA A 1695 22.16 -10.90 32.29
N ILE A 1696 22.25 -10.00 33.28
CA ILE A 1696 21.33 -8.87 33.36
C ILE A 1696 21.63 -7.82 32.30
N PRO A 1697 22.86 -7.27 32.19
CA PRO A 1697 23.14 -6.34 31.11
C PRO A 1697 23.25 -6.95 29.71
N LEU A 1698 23.83 -8.15 29.58
CA LEU A 1698 24.02 -8.72 28.25
C LEU A 1698 22.72 -9.28 27.65
N LEU A 1699 21.83 -9.85 28.48
CA LEU A 1699 20.71 -10.62 27.97
C LEU A 1699 19.35 -10.16 28.47
N GLY A 1700 19.28 -9.32 29.50
CA GLY A 1700 18.01 -8.93 30.09
C GLY A 1700 17.31 -10.03 30.90
N ILE A 1701 18.09 -10.99 31.43
CA ILE A 1701 17.55 -12.07 32.24
C ILE A 1701 17.73 -11.72 33.72
N TYR A 1702 16.65 -11.23 34.36
CA TYR A 1702 16.66 -10.88 35.77
C TYR A 1702 16.24 -12.07 36.62
N PRO A 1703 16.80 -12.22 37.84
CA PRO A 1703 16.28 -13.22 38.77
C PRO A 1703 14.90 -12.85 39.29
N ASN A 1704 14.21 -13.86 39.84
CA ASN A 1704 12.77 -13.83 40.03
C ASN A 1704 12.27 -12.66 40.88
N GLU A 1705 13.07 -12.22 41.87
CA GLU A 1705 12.71 -11.05 42.67
C GLU A 1705 12.49 -9.79 41.82
N TYR A 1706 13.32 -9.59 40.79
CA TYR A 1706 13.35 -8.33 40.06
C TYR A 1706 12.55 -8.35 38.76
N LYS A 1707 11.95 -9.49 38.40
CA LYS A 1707 11.27 -9.63 37.12
C LYS A 1707 10.16 -8.60 36.90
N SER A 1708 9.52 -8.14 37.98
CA SER A 1708 8.38 -7.22 37.88
C SER A 1708 8.74 -5.72 37.98
N CYS A 1709 9.99 -5.37 38.28
CA CYS A 1709 10.29 -4.08 38.91
C CYS A 1709 9.91 -2.89 38.01
N CYS A 1710 9.64 -1.76 38.67
CA CYS A 1710 9.27 -0.48 38.08
C CYS A 1710 10.42 0.30 37.44
N TYR A 1711 11.69 -0.06 37.70
CA TYR A 1711 12.83 0.69 37.19
C TYR A 1711 13.49 0.11 35.92
N LYS A 1712 13.01 -1.01 35.39
CA LYS A 1712 13.68 -1.68 34.28
C LYS A 1712 13.86 -0.78 33.05
N ASP A 1713 12.95 0.15 32.82
CA ASP A 1713 13.07 1.13 31.74
C ASP A 1713 14.38 1.92 31.81
N THR A 1714 14.76 2.33 33.03
CA THR A 1714 15.98 3.08 33.24
C THR A 1714 17.22 2.20 33.03
N CYS A 1715 17.24 1.03 33.68
CA CYS A 1715 18.36 0.10 33.55
C CYS A 1715 18.63 -0.29 32.09
N THR A 1716 17.58 -0.45 31.29
CA THR A 1716 17.75 -0.82 29.90
C THR A 1716 18.50 0.25 29.11
N ARG A 1717 18.27 1.52 29.43
CA ARG A 1717 19.00 2.61 28.77
C ARG A 1717 20.45 2.70 29.21
N MET A 1718 20.73 2.51 30.50
CA MET A 1718 22.10 2.46 30.97
C MET A 1718 22.90 1.32 30.35
N PHE A 1719 22.34 0.11 30.30
CA PHE A 1719 23.08 -1.03 29.77
C PHE A 1719 23.32 -0.96 28.27
N ILE A 1720 22.31 -0.61 27.48
CA ILE A 1720 22.52 -0.55 26.04
C ILE A 1720 23.49 0.57 25.64
N ALA A 1721 23.50 1.69 26.37
CA ALA A 1721 24.55 2.69 26.18
C ALA A 1721 25.95 2.12 26.44
N ALA A 1722 26.10 1.30 27.49
CA ALA A 1722 27.38 0.66 27.79
C ALA A 1722 27.81 -0.33 26.71
N LEU A 1723 26.87 -1.13 26.18
CA LEU A 1723 27.15 -2.00 25.05
C LEU A 1723 27.68 -1.26 23.83
N PHE A 1724 27.10 -0.11 23.49
CA PHE A 1724 27.64 0.72 22.41
C PHE A 1724 29.09 1.13 22.67
N THR A 1725 29.37 1.60 23.89
CA THR A 1725 30.70 2.09 24.24
C THR A 1725 31.78 1.01 24.12
N ILE A 1726 31.51 -0.21 24.56
CA ILE A 1726 32.49 -1.28 24.41
C ILE A 1726 32.68 -1.67 22.95
N ALA A 1727 31.58 -1.84 22.21
CA ALA A 1727 31.66 -2.27 20.81
C ALA A 1727 32.41 -1.27 19.92
N LYS A 1728 32.38 0.02 20.25
CA LYS A 1728 33.07 1.04 19.47
C LYS A 1728 34.59 0.87 19.44
N THR A 1729 35.20 0.23 20.44
CA THR A 1729 36.64 0.04 20.51
C THR A 1729 37.00 -1.44 20.68
N TRP A 1730 36.22 -2.32 20.04
CA TRP A 1730 36.24 -3.76 20.28
C TRP A 1730 37.66 -4.37 20.34
N ASN A 1731 38.49 -4.12 19.33
CA ASN A 1731 39.84 -4.69 19.31
C ASN A 1731 40.94 -3.74 19.80
N GLN A 1732 40.61 -2.69 20.54
CA GLN A 1732 41.62 -1.66 20.85
C GLN A 1732 42.22 -1.88 22.23
N PRO A 1733 43.56 -1.77 22.38
CA PRO A 1733 44.21 -1.93 23.68
C PRO A 1733 44.09 -0.70 24.59
N LYS A 1734 42.85 -0.40 25.00
CA LYS A 1734 42.61 0.68 25.94
C LYS A 1734 41.28 0.45 26.66
N CYS A 1735 41.14 1.05 27.83
CA CYS A 1735 39.88 1.04 28.56
C CYS A 1735 38.83 1.85 27.80
N PRO A 1736 37.58 1.33 27.68
CA PRO A 1736 36.43 2.20 27.49
C PRO A 1736 36.26 3.15 28.67
N THR A 1737 35.82 4.38 28.41
CA THR A 1737 35.87 5.45 29.40
C THR A 1737 34.46 5.85 29.82
N MET A 1738 34.33 6.30 31.07
CA MET A 1738 33.05 6.73 31.61
C MET A 1738 32.47 7.93 30.86
N ILE A 1739 33.32 8.85 30.38
CA ILE A 1739 32.82 10.03 29.72
C ILE A 1739 32.21 9.70 28.35
N ASP A 1740 32.80 8.75 27.61
CA ASP A 1740 32.19 8.28 26.39
C ASP A 1740 30.83 7.64 26.63
N TRP A 1741 30.70 6.90 27.73
CA TRP A 1741 29.43 6.30 28.11
C TRP A 1741 28.37 7.35 28.46
N ILE A 1742 28.74 8.39 29.20
CA ILE A 1742 27.82 9.47 29.52
C ILE A 1742 27.34 10.19 28.26
N LYS A 1743 28.25 10.43 27.31
CA LYS A 1743 27.88 11.07 26.06
C LYS A 1743 26.87 10.25 25.26
N LYS A 1744 27.09 8.94 25.12
CA LYS A 1744 26.14 8.10 24.42
C LYS A 1744 24.77 8.13 25.10
N MET A 1745 24.76 8.03 26.41
CA MET A 1745 23.51 7.99 27.16
C MET A 1745 22.72 9.29 27.01
N TRP A 1746 23.43 10.42 26.95
CA TRP A 1746 22.84 11.73 26.72
C TRP A 1746 22.33 11.94 25.29
N HIS A 1747 22.99 11.34 24.30
CA HIS A 1747 22.45 11.29 22.94
C HIS A 1747 21.07 10.63 22.88
N ILE A 1748 20.92 9.45 23.49
CA ILE A 1748 19.64 8.77 23.51
C ILE A 1748 18.59 9.62 24.22
N TYR A 1749 18.96 10.23 25.33
CA TYR A 1749 18.07 11.15 26.05
C TYR A 1749 17.53 12.27 25.17
N THR A 1750 18.40 12.87 24.34
CA THR A 1750 17.98 13.96 23.46
C THR A 1750 16.99 13.50 22.39
N MET A 1751 17.24 12.34 21.76
CA MET A 1751 16.35 11.85 20.72
C MET A 1751 14.97 11.52 21.28
N GLU A 1752 14.92 10.87 22.44
CA GLU A 1752 13.66 10.53 23.09
C GLU A 1752 12.87 11.76 23.54
N TYR A 1753 13.54 12.86 23.89
CA TYR A 1753 12.84 14.04 24.36
C TYR A 1753 11.96 14.67 23.28
N TYR A 1754 12.53 14.94 22.10
CA TYR A 1754 11.74 15.56 21.04
C TYR A 1754 10.65 14.63 20.48
N ALA A 1755 10.88 13.32 20.45
CA ALA A 1755 9.81 12.37 20.17
C ALA A 1755 8.71 12.41 21.24
N ALA A 1756 9.09 12.51 22.52
CA ALA A 1756 8.11 12.51 23.59
C ALA A 1756 7.18 13.73 23.54
N ILE A 1757 7.69 14.87 23.07
CA ILE A 1757 6.82 16.01 22.80
C ILE A 1757 5.93 15.73 21.60
N LYS A 1758 6.55 15.34 20.48
CA LYS A 1758 5.82 15.26 19.22
C LYS A 1758 4.67 14.25 19.29
N ASN A 1759 4.87 13.16 20.02
CA ASN A 1759 3.85 12.12 20.18
C ASN A 1759 3.18 12.17 21.55
N ASP A 1760 3.29 13.30 22.27
CA ASP A 1760 2.63 13.56 23.56
C ASP A 1760 2.73 12.38 24.53
N GLU A 1761 3.96 11.87 24.71
CA GLU A 1761 4.25 10.78 25.64
C GLU A 1761 4.96 11.30 26.90
N PHE A 1762 4.96 12.63 27.11
CA PHE A 1762 5.94 13.30 27.95
C PHE A 1762 5.88 12.85 29.42
N ILE A 1763 4.72 12.38 29.89
CA ILE A 1763 4.61 11.90 31.26
C ILE A 1763 5.45 10.64 31.45
N SER A 1764 5.44 9.74 30.46
CA SER A 1764 6.25 8.53 30.50
C SER A 1764 7.74 8.87 30.51
N PHE A 1765 8.16 9.72 29.57
CA PHE A 1765 9.55 10.13 29.44
C PHE A 1765 10.12 10.70 30.74
N VAL A 1766 9.39 11.60 31.39
CA VAL A 1766 9.89 12.19 32.63
C VAL A 1766 10.09 11.13 33.71
N GLY A 1767 9.21 10.12 33.77
CA GLY A 1767 9.38 9.07 34.76
C GLY A 1767 10.73 8.36 34.62
N THR A 1768 11.04 7.91 33.40
CA THR A 1768 12.23 7.13 33.14
C THR A 1768 13.51 7.93 33.37
N TRP A 1769 13.66 9.04 32.64
CA TRP A 1769 14.87 9.86 32.64
C TRP A 1769 15.10 10.74 33.87
N MET A 1770 14.04 11.21 34.57
CA MET A 1770 14.22 12.29 35.54
C MET A 1770 15.24 11.94 36.62
N LYS A 1771 15.14 10.78 37.26
CA LYS A 1771 16.10 10.46 38.31
C LYS A 1771 17.49 10.24 37.74
N LEU A 1772 17.61 9.60 36.58
CA LEU A 1772 18.91 9.39 35.96
C LEU A 1772 19.56 10.71 35.55
N GLU A 1773 18.76 11.65 35.04
CA GLU A 1773 19.27 12.96 34.65
C GLU A 1773 19.94 13.67 35.82
N THR A 1774 19.29 13.67 36.99
CA THR A 1774 19.85 14.34 38.17
C THR A 1774 21.22 13.78 38.55
N ILE A 1775 21.43 12.48 38.39
CA ILE A 1775 22.71 11.88 38.74
C ILE A 1775 23.79 12.25 37.72
N ILE A 1776 23.49 12.14 36.43
CA ILE A 1776 24.47 12.48 35.39
C ILE A 1776 24.96 13.92 35.54
N LEU A 1777 24.06 14.86 35.83
CA LEU A 1777 24.45 16.25 36.00
C LEU A 1777 25.27 16.49 37.26
N SER A 1778 25.02 15.73 38.32
CA SER A 1778 25.73 15.91 39.59
C SER A 1778 27.19 15.51 39.53
N LYS A 1779 27.54 14.49 38.74
CA LYS A 1779 28.92 14.05 38.62
C LYS A 1779 29.81 14.91 37.72
N LEU A 1780 29.29 15.56 36.69
CA LEU A 1780 30.14 16.28 35.75
C LEU A 1780 30.61 17.63 36.33
N SER A 1781 31.74 18.11 35.80
CA SER A 1781 32.19 19.48 36.00
C SER A 1781 31.57 20.41 34.95
N GLN A 1782 31.51 21.71 35.30
CA GLN A 1782 31.04 22.74 34.38
C GLN A 1782 31.91 22.84 33.12
N GLU A 1783 33.21 22.56 33.25
CA GLU A 1783 34.08 22.49 32.07
C GLU A 1783 33.60 21.41 31.11
N GLN A 1784 33.28 20.22 31.64
CA GLN A 1784 32.84 19.11 30.81
C GLN A 1784 31.43 19.34 30.25
N LYS A 1785 30.51 19.82 31.08
CA LYS A 1785 29.18 20.19 30.60
C LYS A 1785 29.24 21.20 29.46
N THR A 1786 30.15 22.17 29.55
CA THR A 1786 30.27 23.16 28.49
C THR A 1786 30.82 22.51 27.22
N LYS A 1787 31.90 21.73 27.35
CA LYS A 1787 32.54 21.12 26.20
C LYS A 1787 31.60 20.17 25.45
N HIS A 1788 30.74 19.45 26.15
CA HIS A 1788 29.88 18.46 25.53
C HIS A 1788 28.39 18.87 25.48
N ARG A 1789 28.07 20.11 25.85
CA ARG A 1789 26.72 20.67 25.76
C ARG A 1789 25.68 19.86 26.54
N ILE A 1790 26.06 19.37 27.73
CA ILE A 1790 25.16 18.59 28.57
C ILE A 1790 24.38 19.55 29.48
N PHE A 1791 23.10 19.76 29.17
CA PHE A 1791 22.21 20.52 30.05
C PHE A 1791 20.79 19.99 29.96
N SER A 1792 20.05 20.16 31.05
CA SER A 1792 18.69 19.64 31.18
C SER A 1792 17.77 20.15 30.07
N LEU A 1793 16.90 19.26 29.58
CA LEU A 1793 15.78 19.61 28.71
C LEU A 1793 14.44 19.49 29.40
N ILE A 1794 14.34 18.75 30.52
CA ILE A 1794 13.12 18.72 31.31
C ILE A 1794 12.94 20.03 32.07
N GLY A 1795 13.99 20.42 32.81
CA GLY A 1795 13.94 21.60 33.67
C GLY A 1795 14.30 22.88 32.93
#